data_2YVJ
#
_entry.id   2YVJ
#
_cell.length_a   60.596
_cell.length_b   173.715
_cell.length_c   60.976
_cell.angle_alpha   90.00
_cell.angle_beta   115.81
_cell.angle_gamma   90.00
#
_symmetry.space_group_name_H-M   'P 1 21 1'
#
loop_
_entity.id
_entity.type
_entity.pdbx_description
1 polymer 'Ferredoxin reductase'
2 polymer 'Biphenyl dioxygenase ferredoxin subunit'
3 non-polymer 'FLAVIN-ADENINE DINUCLEOTIDE'
4 non-polymer '1,4-DIHYDRONICOTINAMIDE ADENINE DINUCLEOTIDE'
5 non-polymer 'FE2/S2 (INORGANIC) CLUSTER'
6 water water
#
loop_
_entity_poly.entity_id
_entity_poly.type
_entity_poly.pdbx_seq_one_letter_code
_entity_poly.pdbx_strand_id
1 'polypeptide(L)'
;MSQEALKAPVVVLGAGLASVSFVAELRQAGYQGLITVVGDEAERPYDRPPLSKDFMAHGDAEKIRLDCKRAPEVEWLLGV
TAQSFDPQAHTVALSDGRTLPYGTLVLATGAAPRALPTLQGATMPVHTLRTLEDARRIQAGLRPQSRLLIVGGGVIGLEL
AATARTAGVHVSLVETQPRLMSRAAPATLADFVARYHAAQGVDLRFERSVTGSVDGVVLLDDGTRIAADMVVVGIGVLAN
DALARAAGLACDDGIFVDAYGRTTCPDVYALGDVTRQRNPLSGRFERIETWSNAQNQGIAVARHLVDPTAPGYAELPWYW
SDQGALRIQVAGLASGDEEIVRGEVSLDAPKFTLIELQKGRIVGATCVNNARDFAPLRRLLAVGAKPDRAALADPATDLR
KLAAAVAA
;
A,P
2 'polypeptide(L)'
;MTFTKACSVDEVPPGEALQVSHDAQKVAIFNVDGEFFATQDQCTHGEWSLSEGGYLDGDVVECSLHMGKFCVRTGKVKSP
PPCEPLKVYPIRIEGRDVLVDFSRAALHA
;
B
#
# COMPACT_ATOMS: atom_id res chain seq x y z
N ALA A 5 1.92 14.06 18.86
CA ALA A 5 1.44 15.24 19.57
C ALA A 5 1.50 16.46 18.65
N LEU A 6 0.32 17.06 18.48
CA LEU A 6 0.19 18.26 17.67
C LEU A 6 0.84 19.45 18.38
N LYS A 7 1.91 19.95 17.78
CA LYS A 7 2.53 21.17 18.27
C LYS A 7 2.57 22.21 17.15
N ALA A 8 2.12 23.40 17.52
CA ALA A 8 2.33 24.57 16.69
C ALA A 8 3.83 24.77 16.52
N PRO A 9 4.20 25.38 15.39
CA PRO A 9 3.22 25.78 14.38
C PRO A 9 2.84 24.64 13.46
N VAL A 10 1.68 24.78 12.82
CA VAL A 10 1.32 23.68 11.90
C VAL A 10 1.58 24.15 10.48
N VAL A 11 2.32 23.39 9.68
CA VAL A 11 2.55 23.82 8.31
C VAL A 11 2.15 22.66 7.39
N VAL A 12 1.35 22.97 6.40
CA VAL A 12 0.92 22.02 5.39
C VAL A 12 1.53 22.41 4.05
N LEU A 13 2.09 21.40 3.37
CA LEU A 13 2.58 21.58 2.02
C LEU A 13 1.60 20.93 1.04
N GLY A 14 1.02 21.73 0.18
CA GLY A 14 0.00 21.40 -0.80
C GLY A 14 -1.33 22.01 -0.36
N ALA A 15 -1.99 22.78 -1.22
CA ALA A 15 -3.29 23.36 -0.93
C ALA A 15 -4.45 22.67 -1.66
N GLY A 16 -4.40 21.35 -1.75
CA GLY A 16 -5.48 20.60 -2.37
C GLY A 16 -6.53 20.17 -1.37
N LEU A 17 -7.41 19.28 -1.81
CA LEU A 17 -8.50 18.76 -1.03
C LEU A 17 -8.08 18.17 0.31
N ALA A 18 -6.93 17.48 0.35
CA ALA A 18 -6.53 16.94 1.64
C ALA A 18 -6.13 18.07 2.61
N SER A 19 -5.49 19.09 2.08
CA SER A 19 -4.99 20.19 2.92
C SER A 19 -6.16 20.83 3.64
N VAL A 20 -6.94 21.50 2.81
CA VAL A 20 -8.24 22.06 3.11
C VAL A 20 -9.06 21.19 4.04
N SER A 21 -9.34 19.94 3.68
CA SER A 21 -10.17 19.15 4.59
C SER A 21 -9.47 18.95 5.93
N PHE A 22 -8.14 18.96 5.84
CA PHE A 22 -7.32 18.72 7.02
C PHE A 22 -7.36 19.87 8.04
N VAL A 23 -7.20 21.09 7.54
CA VAL A 23 -7.08 22.21 8.50
C VAL A 23 -8.44 22.63 9.05
N ALA A 24 -9.52 22.27 8.35
CA ALA A 24 -10.84 22.63 8.88
C ALA A 24 -11.15 21.81 10.11
N GLU A 25 -10.65 20.57 10.10
CA GLU A 25 -10.87 19.72 11.27
C GLU A 25 -9.92 20.12 12.40
N LEU A 26 -8.90 20.88 12.01
CA LEU A 26 -7.96 21.38 13.02
C LEU A 26 -8.69 22.42 13.85
N ARG A 27 -9.12 23.47 13.17
CA ARG A 27 -9.88 24.53 13.84
C ARG A 27 -11.24 24.04 14.34
N GLN A 28 -12.04 23.44 13.47
CA GLN A 28 -13.42 23.12 13.79
C GLN A 28 -13.56 21.84 14.62
N ALA A 29 -12.63 21.67 15.51
CA ALA A 29 -12.26 20.77 16.57
C ALA A 29 -11.52 21.53 17.68
N GLY A 30 -11.56 22.86 17.63
CA GLY A 30 -10.98 23.70 18.65
C GLY A 30 -9.50 23.96 18.68
N TYR A 31 -8.76 23.86 17.58
CA TYR A 31 -7.34 24.20 17.57
C TYR A 31 -7.15 25.60 16.98
N GLN A 32 -6.99 26.63 17.79
CA GLN A 32 -6.81 27.96 17.22
C GLN A 32 -5.38 28.46 17.41
N GLY A 33 -4.42 27.60 17.10
CA GLY A 33 -3.04 28.00 17.00
C GLY A 33 -2.74 28.36 15.54
N LEU A 34 -1.53 28.76 15.28
CA LEU A 34 -1.02 29.16 13.98
C LEU A 34 -0.97 27.99 12.98
N ILE A 35 -1.48 28.24 11.80
CA ILE A 35 -1.45 27.39 10.62
C ILE A 35 -1.06 28.19 9.37
N THR A 36 -0.16 27.61 8.59
CA THR A 36 0.28 28.03 7.27
C THR A 36 0.08 26.84 6.32
N VAL A 37 -0.38 27.13 5.12
CA VAL A 37 -0.66 26.19 4.04
C VAL A 37 0.07 26.56 2.76
N VAL A 38 1.00 25.77 2.25
CA VAL A 38 1.68 26.18 1.02
C VAL A 38 1.21 25.42 -0.23
N GLY A 39 0.97 26.07 -1.37
CA GLY A 39 0.63 25.40 -2.62
C GLY A 39 1.31 26.01 -3.82
N ASP A 40 1.83 25.17 -4.73
CA ASP A 40 2.62 25.65 -5.86
C ASP A 40 1.72 26.13 -7.00
N GLU A 41 0.42 26.09 -6.79
CA GLU A 41 -0.51 26.63 -7.79
C GLU A 41 -0.99 28.00 -7.32
N ALA A 42 -1.29 28.90 -8.26
CA ALA A 42 -1.82 30.20 -7.87
C ALA A 42 -3.30 30.31 -8.26
N GLU A 43 -4.15 30.13 -7.26
CA GLU A 43 -5.59 30.21 -7.32
C GLU A 43 -6.16 29.57 -6.04
N ARG A 44 -7.34 30.03 -5.66
CA ARG A 44 -8.01 29.51 -4.46
C ARG A 44 -8.09 28.00 -4.61
N PRO A 45 -7.86 27.20 -3.60
CA PRO A 45 -7.90 25.73 -3.81
C PRO A 45 -9.22 25.26 -4.40
N TYR A 46 -9.14 24.45 -5.45
CA TYR A 46 -10.29 24.06 -6.25
C TYR A 46 -10.56 22.55 -6.27
N ASP A 47 -11.81 22.12 -6.17
CA ASP A 47 -12.13 20.69 -6.28
C ASP A 47 -11.65 20.15 -7.63
N ARG A 48 -11.11 18.94 -7.62
CA ARG A 48 -10.59 18.32 -8.84
C ARG A 48 -11.62 17.48 -9.60
N PRO A 49 -12.41 16.62 -8.98
CA PRO A 49 -13.40 15.81 -9.72
C PRO A 49 -14.27 16.55 -10.72
N PRO A 50 -14.83 17.72 -10.43
CA PRO A 50 -15.66 18.42 -11.42
C PRO A 50 -14.94 18.79 -12.71
N LEU A 51 -13.62 18.64 -12.73
CA LEU A 51 -12.90 19.01 -13.95
C LEU A 51 -13.28 18.04 -15.07
N SER A 52 -13.57 16.80 -14.64
CA SER A 52 -13.81 15.83 -15.73
C SER A 52 -15.25 15.92 -16.20
N LYS A 53 -16.05 16.63 -15.42
CA LYS A 53 -17.46 16.82 -15.69
C LYS A 53 -17.68 18.24 -16.22
N ASP A 54 -18.56 18.96 -15.57
CA ASP A 54 -19.00 20.31 -15.90
C ASP A 54 -17.98 21.15 -16.65
N PHE A 55 -16.74 21.14 -16.18
CA PHE A 55 -15.74 22.10 -16.61
C PHE A 55 -15.52 22.17 -18.11
N MET A 56 -15.61 21.07 -18.85
CA MET A 56 -15.40 21.18 -20.29
C MET A 56 -16.57 21.91 -20.95
N ALA A 57 -17.65 22.05 -20.18
CA ALA A 57 -18.92 22.53 -20.66
C ALA A 57 -19.10 24.04 -20.49
N HIS A 58 -19.50 24.39 -19.28
CA HIS A 58 -19.74 25.76 -18.86
C HIS A 58 -18.54 26.32 -18.09
N GLY A 59 -17.37 25.87 -18.48
CA GLY A 59 -16.06 26.16 -17.98
C GLY A 59 -15.97 27.12 -16.83
N ASP A 60 -16.71 26.85 -15.75
CA ASP A 60 -16.68 27.73 -14.58
C ASP A 60 -15.77 27.20 -13.49
N ALA A 61 -14.66 27.90 -13.25
CA ALA A 61 -13.75 27.56 -12.16
C ALA A 61 -14.34 28.05 -10.84
N GLU A 62 -15.47 28.74 -10.94
CA GLU A 62 -16.03 29.44 -9.78
C GLU A 62 -17.10 28.62 -9.08
N LYS A 63 -17.41 27.42 -9.58
CA LYS A 63 -18.39 26.61 -8.87
C LYS A 63 -17.71 25.36 -8.31
N ILE A 64 -16.48 25.17 -8.77
CA ILE A 64 -15.67 24.01 -8.39
C ILE A 64 -14.58 24.41 -7.42
N ARG A 65 -14.73 25.62 -6.89
CA ARG A 65 -13.81 26.20 -5.93
C ARG A 65 -13.88 25.51 -4.57
N LEU A 66 -12.78 24.92 -4.10
CA LEU A 66 -12.81 24.36 -2.75
C LEU A 66 -13.11 25.53 -1.82
N ASP A 67 -14.16 25.39 -1.02
CA ASP A 67 -14.50 26.56 -0.20
C ASP A 67 -13.95 26.38 1.21
N CYS A 68 -12.73 26.88 1.36
CA CYS A 68 -11.96 26.87 2.59
C CYS A 68 -12.49 27.89 3.59
N LYS A 69 -13.79 27.85 3.82
CA LYS A 69 -14.55 28.73 4.69
C LYS A 69 -14.48 28.32 6.16
N ARG A 70 -14.41 27.02 6.36
CA ARG A 70 -14.27 26.32 7.63
C ARG A 70 -12.84 26.36 8.13
N ALA A 71 -11.97 27.08 7.41
CA ALA A 71 -10.62 27.23 7.96
C ALA A 71 -10.36 28.72 8.21
N PRO A 72 -10.79 29.21 9.37
CA PRO A 72 -10.52 30.62 9.71
C PRO A 72 -9.09 30.76 10.17
N GLU A 73 -8.54 31.95 10.04
CA GLU A 73 -7.21 32.28 10.53
C GLU A 73 -6.20 31.19 10.18
N VAL A 74 -6.26 30.80 8.92
CA VAL A 74 -5.24 29.99 8.27
C VAL A 74 -4.44 30.97 7.41
N GLU A 75 -3.17 30.73 7.21
CA GLU A 75 -2.31 31.45 6.28
C GLU A 75 -2.14 30.61 5.02
N TRP A 76 -2.59 31.14 3.90
CA TRP A 76 -2.34 30.49 2.61
C TRP A 76 -1.16 31.19 1.95
N LEU A 77 -0.32 30.39 1.33
CA LEU A 77 0.76 30.88 0.47
C LEU A 77 0.63 30.18 -0.89
N LEU A 78 -0.27 30.70 -1.71
CA LEU A 78 -0.50 30.12 -3.03
C LEU A 78 0.50 30.68 -4.03
N GLY A 79 0.79 29.94 -5.10
CA GLY A 79 1.74 30.39 -6.10
C GLY A 79 3.17 30.27 -5.59
N VAL A 80 3.30 29.67 -4.43
CA VAL A 80 4.57 29.41 -3.77
C VAL A 80 4.83 27.91 -3.62
N THR A 81 6.00 27.51 -4.05
CA THR A 81 6.60 26.22 -4.01
C THR A 81 7.47 26.00 -2.76
N ALA A 82 7.42 24.78 -2.25
CA ALA A 82 8.27 24.28 -1.19
C ALA A 82 9.35 23.41 -1.86
N GLN A 83 10.59 23.82 -1.68
CA GLN A 83 11.79 23.27 -2.30
C GLN A 83 12.38 22.13 -1.49
N SER A 84 12.14 22.27 -0.19
CA SER A 84 12.77 21.40 0.78
C SER A 84 12.37 21.74 2.21
N PHE A 85 12.43 20.67 3.00
CA PHE A 85 12.34 20.88 4.43
C PHE A 85 13.53 20.18 5.10
N ASP A 86 13.74 20.72 6.30
CA ASP A 86 14.77 20.19 7.16
C ASP A 86 14.13 19.69 8.46
N PRO A 87 13.99 18.37 8.51
CA PRO A 87 13.57 17.66 9.70
C PRO A 87 14.45 17.91 10.93
N GLN A 88 15.66 18.42 10.77
CA GLN A 88 16.56 18.55 11.92
C GLN A 88 16.57 19.97 12.47
N ALA A 89 16.14 20.92 11.64
CA ALA A 89 15.93 22.32 11.91
C ALA A 89 14.44 22.61 12.07
N HIS A 90 13.63 21.69 11.52
CA HIS A 90 12.18 21.90 11.57
C HIS A 90 11.82 23.20 10.86
N THR A 91 12.27 23.27 9.62
CA THR A 91 11.89 24.33 8.70
C THR A 91 11.69 23.76 7.29
N VAL A 92 11.03 24.54 6.46
CA VAL A 92 10.71 24.38 5.08
C VAL A 92 11.16 25.60 4.25
N ALA A 93 12.04 25.41 3.27
CA ALA A 93 12.40 26.46 2.33
C ALA A 93 11.36 26.62 1.23
N LEU A 94 10.88 27.84 1.06
CA LEU A 94 9.89 28.09 0.00
C LEU A 94 10.52 28.78 -1.19
N SER A 95 9.80 28.81 -2.32
CA SER A 95 10.35 29.41 -3.51
C SER A 95 10.52 30.91 -3.36
N ASP A 96 9.80 31.55 -2.42
CA ASP A 96 9.92 33.02 -2.51
C ASP A 96 10.95 33.58 -1.54
N GLY A 97 11.76 32.69 -0.97
CA GLY A 97 12.89 32.98 -0.13
C GLY A 97 12.65 32.73 1.35
N ARG A 98 11.41 32.54 1.73
CA ARG A 98 11.00 32.43 3.13
C ARG A 98 11.16 31.05 3.74
N THR A 99 11.45 31.05 5.03
CA THR A 99 11.62 29.97 5.97
C THR A 99 10.37 29.74 6.80
N LEU A 100 9.77 28.56 6.80
CA LEU A 100 8.67 28.27 7.70
C LEU A 100 9.07 27.35 8.85
N PRO A 101 9.09 27.85 10.10
CA PRO A 101 9.31 26.99 11.27
C PRO A 101 8.15 26.04 11.50
N TYR A 102 8.36 24.87 12.13
CA TYR A 102 7.19 24.06 12.41
C TYR A 102 7.38 23.20 13.65
N GLY A 103 6.32 22.92 14.38
CA GLY A 103 6.36 21.84 15.36
C GLY A 103 5.79 20.55 14.75
N THR A 104 4.89 20.74 13.78
CA THR A 104 4.18 19.74 13.01
C THR A 104 4.15 20.13 11.53
N LEU A 105 4.56 19.17 10.69
CA LEU A 105 4.61 19.35 9.26
C LEU A 105 3.80 18.27 8.53
N VAL A 106 2.95 18.67 7.59
CA VAL A 106 2.06 17.74 6.88
C VAL A 106 2.28 17.75 5.38
N LEU A 107 2.68 16.59 4.84
CA LEU A 107 2.89 16.57 3.38
C LEU A 107 1.60 16.12 2.72
N ALA A 108 1.05 16.95 1.86
CA ALA A 108 -0.20 16.64 1.18
C ALA A 108 -0.13 17.26 -0.23
N THR A 109 0.91 16.84 -0.91
CA THR A 109 1.43 17.26 -2.19
C THR A 109 0.89 16.45 -3.38
N GLY A 110 -0.01 15.51 -3.10
CA GLY A 110 -0.74 14.73 -4.06
C GLY A 110 0.10 13.85 -4.97
N ALA A 111 -0.27 13.85 -6.24
CA ALA A 111 0.34 13.03 -7.28
C ALA A 111 0.41 13.79 -8.59
N ALA A 112 1.35 13.45 -9.47
CA ALA A 112 1.40 14.13 -10.76
C ALA A 112 1.16 13.15 -11.90
N PRO A 113 0.74 13.58 -13.08
CA PRO A 113 0.55 12.65 -14.20
C PRO A 113 1.84 12.37 -14.96
N ARG A 114 1.98 11.10 -15.36
CA ARG A 114 3.13 10.60 -16.08
C ARG A 114 2.92 10.64 -17.59
N ALA A 115 3.02 11.84 -18.13
CA ALA A 115 2.92 12.19 -19.53
C ALA A 115 3.49 11.14 -20.47
N LEU A 116 3.35 11.40 -21.77
CA LEU A 116 3.90 10.56 -22.82
C LEU A 116 5.31 10.98 -23.18
N PRO A 117 6.24 10.04 -23.12
CA PRO A 117 7.61 10.32 -23.59
C PRO A 117 7.75 10.01 -25.07
N THR A 118 6.75 9.31 -25.61
CA THR A 118 6.77 8.95 -27.02
C THR A 118 6.12 10.06 -27.83
N LEU A 119 5.27 10.82 -27.14
CA LEU A 119 4.69 12.04 -27.70
C LEU A 119 5.47 13.22 -27.13
N GLN A 120 6.78 13.02 -27.07
CA GLN A 120 7.77 13.97 -26.61
C GLN A 120 7.75 15.25 -27.45
N GLY A 121 7.89 15.10 -28.76
CA GLY A 121 7.83 16.23 -29.66
C GLY A 121 6.75 16.06 -30.72
N ALA A 122 5.53 16.41 -30.37
CA ALA A 122 4.35 16.29 -31.22
C ALA A 122 3.92 17.65 -31.78
N THR A 123 3.85 17.76 -33.10
CA THR A 123 3.35 18.96 -33.77
C THR A 123 1.92 19.27 -33.35
N MET A 124 1.21 18.24 -32.91
CA MET A 124 -0.12 18.41 -32.36
C MET A 124 -0.04 18.59 -30.84
N PRO A 125 -1.04 19.27 -30.29
CA PRO A 125 -1.15 19.51 -28.85
C PRO A 125 -1.55 18.26 -28.07
N VAL A 126 -1.06 18.18 -26.85
CA VAL A 126 -1.27 17.11 -25.89
C VAL A 126 -1.27 17.64 -24.46
N HIS A 127 -2.19 17.15 -23.62
CA HIS A 127 -2.34 17.58 -22.25
C HIS A 127 -2.64 16.41 -21.32
N THR A 128 -2.05 16.41 -20.13
CA THR A 128 -2.22 15.29 -19.21
C THR A 128 -3.34 15.51 -18.20
N LEU A 129 -4.06 16.61 -18.29
CA LEU A 129 -5.24 16.78 -17.45
C LEU A 129 -5.06 16.57 -15.97
N ARG A 130 -4.60 17.56 -15.19
CA ARG A 130 -4.75 17.31 -13.75
C ARG A 130 -5.12 18.58 -12.98
N THR A 131 -5.17 19.71 -13.67
CA THR A 131 -5.45 21.01 -13.09
C THR A 131 -6.48 21.84 -13.85
N LEU A 132 -6.79 22.99 -13.27
CA LEU A 132 -7.63 24.07 -13.70
C LEU A 132 -6.83 25.00 -14.62
N GLU A 133 -5.75 24.49 -15.17
CA GLU A 133 -5.03 25.14 -16.25
C GLU A 133 -5.18 24.27 -17.50
N ASP A 134 -5.04 22.97 -17.25
CA ASP A 134 -5.08 21.93 -18.26
C ASP A 134 -6.53 21.71 -18.74
N ALA A 135 -7.40 21.74 -17.75
CA ALA A 135 -8.83 21.75 -17.81
C ALA A 135 -9.35 22.77 -18.81
N ARG A 136 -9.12 24.03 -18.44
CA ARG A 136 -9.48 25.15 -19.28
C ARG A 136 -8.99 24.96 -20.72
N ARG A 137 -7.82 24.33 -20.85
CA ARG A 137 -7.07 24.15 -22.08
C ARG A 137 -7.62 23.05 -22.98
N ILE A 138 -7.84 21.83 -22.49
CA ILE A 138 -8.53 20.82 -23.29
C ILE A 138 -9.91 21.31 -23.74
N GLN A 139 -10.71 21.66 -22.74
CA GLN A 139 -12.08 22.12 -22.87
C GLN A 139 -12.23 23.04 -24.08
N ALA A 140 -11.46 24.12 -24.03
CA ALA A 140 -11.43 25.13 -25.07
C ALA A 140 -10.83 24.59 -26.37
N GLY A 141 -10.35 23.36 -26.38
CA GLY A 141 -9.83 22.72 -27.57
C GLY A 141 -10.89 21.82 -28.21
N LEU A 142 -11.93 21.55 -27.42
CA LEU A 142 -13.05 20.71 -27.77
C LEU A 142 -14.05 21.43 -28.67
N ARG A 143 -13.78 21.51 -29.97
CA ARG A 143 -14.72 22.14 -30.89
C ARG A 143 -15.59 21.10 -31.58
N PRO A 144 -16.75 21.53 -32.09
CA PRO A 144 -17.68 20.63 -32.77
C PRO A 144 -16.98 19.78 -33.82
N GLN A 145 -16.72 20.34 -35.00
CA GLN A 145 -16.10 19.51 -36.04
C GLN A 145 -14.62 19.31 -35.79
N SER A 146 -14.25 18.34 -34.95
CA SER A 146 -12.82 18.19 -34.68
C SER A 146 -12.45 16.78 -34.22
N ARG A 147 -11.14 16.52 -34.21
CA ARG A 147 -10.61 15.24 -33.74
C ARG A 147 -9.97 15.43 -32.36
N LEU A 148 -9.93 14.34 -31.61
CA LEU A 148 -9.24 14.16 -30.35
C LEU A 148 -8.98 12.68 -30.08
N LEU A 149 -7.73 12.38 -29.80
CA LEU A 149 -7.16 11.12 -29.41
C LEU A 149 -6.75 11.07 -27.93
N ILE A 150 -7.45 10.26 -27.14
CA ILE A 150 -7.08 10.01 -25.75
C ILE A 150 -6.23 8.76 -25.65
N VAL A 151 -5.15 8.85 -24.88
CA VAL A 151 -4.23 7.77 -24.59
C VAL A 151 -4.42 7.23 -23.16
N GLY A 152 -4.97 6.03 -23.03
CA GLY A 152 -5.26 5.40 -21.75
C GLY A 152 -6.72 5.20 -21.46
N GLY A 153 -7.13 4.03 -20.99
CA GLY A 153 -8.52 3.71 -20.75
C GLY A 153 -8.96 3.49 -19.32
N GLY A 154 -8.48 4.41 -18.48
CA GLY A 154 -8.87 4.47 -17.08
C GLY A 154 -9.96 5.51 -16.88
N VAL A 155 -10.08 6.03 -15.66
CA VAL A 155 -11.25 6.90 -15.46
C VAL A 155 -11.09 8.22 -16.19
N ILE A 156 -9.87 8.76 -16.27
CA ILE A 156 -9.79 10.07 -16.93
C ILE A 156 -9.93 9.93 -18.43
N GLY A 157 -9.45 8.82 -18.98
CA GLY A 157 -9.65 8.65 -20.43
C GLY A 157 -11.14 8.55 -20.70
N LEU A 158 -11.83 7.75 -19.91
CA LEU A 158 -13.27 7.53 -20.05
C LEU A 158 -14.09 8.77 -19.74
N GLU A 159 -13.82 9.40 -18.60
CA GLU A 159 -14.64 10.58 -18.26
C GLU A 159 -14.50 11.67 -19.30
N LEU A 160 -13.26 12.00 -19.68
CA LEU A 160 -13.01 13.00 -20.70
C LEU A 160 -13.47 12.54 -22.08
N ALA A 161 -13.43 11.24 -22.35
CA ALA A 161 -13.95 10.78 -23.64
C ALA A 161 -15.42 11.21 -23.78
N ALA A 162 -16.20 10.80 -22.79
CA ALA A 162 -17.63 11.04 -22.74
C ALA A 162 -18.01 12.46 -23.13
N THR A 163 -17.49 13.45 -22.41
CA THR A 163 -17.81 14.85 -22.71
C THR A 163 -17.19 15.30 -24.03
N ALA A 164 -16.15 14.59 -24.47
CA ALA A 164 -15.54 14.96 -25.74
C ALA A 164 -16.56 14.71 -26.86
N ARG A 165 -17.39 13.72 -26.59
CA ARG A 165 -18.48 13.22 -27.41
C ARG A 165 -19.63 14.21 -27.38
N THR A 166 -20.18 14.46 -26.21
CA THR A 166 -21.10 15.56 -25.97
C THR A 166 -20.64 16.86 -26.62
N ALA A 167 -19.32 17.09 -26.62
CA ALA A 167 -18.70 18.17 -27.37
C ALA A 167 -19.04 18.10 -28.85
N GLY A 168 -18.90 16.90 -29.41
CA GLY A 168 -19.12 16.72 -30.85
C GLY A 168 -17.82 16.28 -31.50
N VAL A 169 -16.87 15.85 -30.68
CA VAL A 169 -15.61 15.37 -31.26
C VAL A 169 -15.72 13.87 -31.52
N HIS A 170 -15.20 13.45 -32.68
CA HIS A 170 -15.14 12.03 -33.00
C HIS A 170 -14.01 11.39 -32.21
N VAL A 171 -14.34 10.76 -31.08
CA VAL A 171 -13.28 10.33 -30.18
C VAL A 171 -12.85 8.89 -30.36
N SER A 172 -11.53 8.68 -30.35
CA SER A 172 -10.91 7.37 -30.39
C SER A 172 -9.95 7.22 -29.22
N LEU A 173 -9.62 6.00 -28.81
CA LEU A 173 -8.92 5.80 -27.55
C LEU A 173 -8.02 4.57 -27.57
N VAL A 174 -6.73 4.81 -27.41
CA VAL A 174 -5.70 3.80 -27.31
C VAL A 174 -5.66 3.15 -25.94
N GLU A 175 -5.78 1.82 -25.85
CA GLU A 175 -5.61 1.25 -24.50
C GLU A 175 -4.54 0.17 -24.54
N THR A 176 -3.61 0.17 -23.59
CA THR A 176 -2.54 -0.84 -23.63
C THR A 176 -3.02 -2.16 -23.04
N GLN A 177 -3.89 -2.13 -22.04
CA GLN A 177 -4.50 -3.39 -21.58
C GLN A 177 -5.62 -3.82 -22.53
N PRO A 178 -5.86 -5.14 -22.50
CA PRO A 178 -6.97 -5.81 -23.15
C PRO A 178 -8.35 -5.42 -22.62
N ARG A 179 -8.39 -4.54 -21.65
CA ARG A 179 -9.61 -4.10 -20.97
C ARG A 179 -9.58 -2.64 -20.58
N LEU A 180 -10.72 -2.02 -20.27
CA LEU A 180 -10.57 -0.67 -19.70
C LEU A 180 -10.58 -0.77 -18.18
N MET A 181 -10.12 0.28 -17.51
CA MET A 181 -10.15 0.38 -16.05
C MET A 181 -9.63 -0.86 -15.36
N SER A 182 -8.41 -1.30 -15.73
CA SER A 182 -7.86 -2.49 -15.09
C SER A 182 -7.55 -2.19 -13.63
N ARG A 183 -7.11 -0.95 -13.38
CA ARG A 183 -6.64 -0.60 -12.03
C ARG A 183 -7.68 -0.88 -10.95
N ALA A 184 -8.95 -0.46 -11.09
CA ALA A 184 -9.77 -0.77 -9.92
C ALA A 184 -11.27 -0.93 -10.16
N ALA A 185 -11.67 -1.69 -11.18
CA ALA A 185 -13.07 -1.94 -11.48
C ALA A 185 -13.36 -3.42 -11.68
N PRO A 186 -14.47 -4.00 -11.23
CA PRO A 186 -14.74 -5.41 -11.55
C PRO A 186 -14.68 -5.63 -13.05
N ALA A 187 -14.43 -6.84 -13.55
CA ALA A 187 -14.29 -6.98 -15.01
C ALA A 187 -15.62 -6.73 -15.72
N THR A 188 -16.70 -7.27 -15.16
CA THR A 188 -18.06 -7.04 -15.64
C THR A 188 -18.30 -5.56 -15.92
N LEU A 189 -17.85 -4.70 -14.99
CA LEU A 189 -18.21 -3.29 -15.20
C LEU A 189 -17.45 -2.69 -16.36
N ALA A 190 -16.17 -3.01 -16.37
CA ALA A 190 -15.22 -2.66 -17.41
C ALA A 190 -15.74 -3.12 -18.77
N ASP A 191 -16.07 -4.41 -18.83
CA ASP A 191 -16.63 -4.88 -20.10
C ASP A 191 -17.94 -4.15 -20.37
N PHE A 192 -18.78 -3.88 -19.36
CA PHE A 192 -20.00 -3.13 -19.63
C PHE A 192 -19.68 -1.80 -20.31
N VAL A 193 -19.02 -0.95 -19.54
CA VAL A 193 -18.64 0.41 -19.85
C VAL A 193 -18.01 0.59 -21.23
N ALA A 194 -17.11 -0.31 -21.62
CA ALA A 194 -16.55 -0.16 -22.97
C ALA A 194 -17.70 -0.30 -23.97
N ARG A 195 -18.55 -1.31 -23.72
CA ARG A 195 -19.69 -1.45 -24.63
C ARG A 195 -20.58 -0.22 -24.55
N TYR A 196 -20.62 0.38 -23.35
CA TYR A 196 -21.32 1.65 -23.23
C TYR A 196 -20.70 2.62 -24.26
N HIS A 197 -19.37 2.72 -24.20
CA HIS A 197 -18.63 3.73 -24.94
C HIS A 197 -18.69 3.52 -26.45
N ALA A 198 -18.63 2.27 -26.90
CA ALA A 198 -18.72 2.06 -28.36
C ALA A 198 -20.01 2.64 -28.90
N ALA A 199 -21.11 2.31 -28.22
CA ALA A 199 -22.43 2.75 -28.65
C ALA A 199 -22.69 4.23 -28.50
N GLN A 200 -21.69 5.10 -28.58
CA GLN A 200 -21.88 6.53 -28.37
C GLN A 200 -21.13 7.37 -29.39
N GLY A 201 -20.10 6.80 -30.01
CA GLY A 201 -19.32 7.55 -30.98
C GLY A 201 -17.86 7.62 -30.59
N VAL A 202 -17.43 6.69 -29.74
CA VAL A 202 -16.03 6.61 -29.34
C VAL A 202 -15.38 5.34 -29.89
N ASP A 203 -14.25 5.54 -30.55
CA ASP A 203 -13.46 4.57 -31.25
C ASP A 203 -12.37 3.97 -30.37
N LEU A 204 -12.56 2.73 -29.96
CA LEU A 204 -11.71 2.07 -28.98
C LEU A 204 -10.64 1.20 -29.59
N ARG A 205 -9.40 1.33 -29.09
CA ARG A 205 -8.29 0.51 -29.58
C ARG A 205 -7.53 -0.13 -28.42
N PHE A 206 -8.01 -1.26 -27.92
CA PHE A 206 -7.37 -2.00 -26.84
C PHE A 206 -6.07 -2.65 -27.32
N GLU A 207 -5.25 -3.05 -26.35
CA GLU A 207 -4.02 -3.77 -26.64
C GLU A 207 -2.99 -3.00 -27.44
N ARG A 208 -3.24 -1.74 -27.77
CA ARG A 208 -2.35 -1.05 -28.69
C ARG A 208 -1.34 -0.13 -27.99
N SER A 209 -0.54 0.52 -28.83
CA SER A 209 0.56 1.33 -28.33
C SER A 209 0.79 2.58 -29.17
N VAL A 210 1.18 3.65 -28.51
CA VAL A 210 1.56 4.85 -29.25
C VAL A 210 3.07 4.81 -29.48
N THR A 211 3.49 4.39 -30.67
CA THR A 211 4.90 4.28 -30.97
C THR A 211 5.56 5.60 -31.33
N GLY A 212 4.77 6.61 -31.63
CA GLY A 212 5.29 7.94 -31.99
C GLY A 212 4.22 8.74 -32.70
N SER A 213 4.59 9.84 -33.36
CA SER A 213 3.64 10.54 -34.20
C SER A 213 4.31 10.90 -35.52
N VAL A 214 3.51 11.36 -36.47
CA VAL A 214 4.01 11.92 -37.71
C VAL A 214 3.19 13.16 -38.07
N ASP A 215 3.89 14.28 -38.13
CA ASP A 215 3.39 15.57 -38.55
C ASP A 215 2.04 15.86 -37.91
N GLY A 216 0.94 15.40 -38.51
CA GLY A 216 -0.37 15.61 -37.95
C GLY A 216 -1.13 14.33 -37.67
N VAL A 217 -0.44 13.18 -37.69
CA VAL A 217 -1.12 11.90 -37.61
C VAL A 217 -0.46 10.96 -36.62
N VAL A 218 -1.25 10.38 -35.73
CA VAL A 218 -0.84 9.46 -34.69
C VAL A 218 -0.22 8.17 -35.22
N LEU A 219 0.56 7.47 -34.41
CA LEU A 219 1.28 6.28 -34.80
C LEU A 219 1.20 5.09 -33.86
N LEU A 220 0.14 4.29 -33.92
CA LEU A 220 0.04 3.10 -33.07
C LEU A 220 1.12 2.09 -33.44
N ASP A 221 1.38 1.10 -32.59
CA ASP A 221 2.51 0.21 -32.88
C ASP A 221 2.34 -0.51 -34.22
N ASP A 222 1.07 -0.73 -34.56
CA ASP A 222 0.68 -1.46 -35.75
C ASP A 222 0.73 -0.58 -36.99
N GLY A 223 1.57 0.45 -36.95
CA GLY A 223 1.81 1.42 -37.98
C GLY A 223 0.62 2.34 -38.23
N THR A 224 -0.45 2.14 -37.45
CA THR A 224 -1.70 2.85 -37.69
C THR A 224 -1.53 4.36 -37.65
N ARG A 225 -2.22 5.02 -38.58
CA ARG A 225 -2.28 6.45 -38.72
C ARG A 225 -3.53 7.00 -38.04
N ILE A 226 -3.43 8.09 -37.30
CA ILE A 226 -4.64 8.69 -36.75
C ILE A 226 -4.59 10.21 -36.82
N ALA A 227 -5.44 10.80 -37.66
CA ALA A 227 -5.49 12.26 -37.69
C ALA A 227 -6.14 12.80 -36.42
N ALA A 228 -5.30 13.28 -35.49
CA ALA A 228 -5.86 13.90 -34.29
C ALA A 228 -5.45 15.36 -34.23
N ASP A 229 -6.40 16.27 -34.07
CA ASP A 229 -6.10 17.68 -33.86
C ASP A 229 -5.75 17.96 -32.40
N MET A 230 -5.98 17.00 -31.53
CA MET A 230 -5.61 17.21 -30.12
C MET A 230 -5.56 15.87 -29.39
N VAL A 231 -4.57 15.76 -28.52
CA VAL A 231 -4.32 14.50 -27.83
C VAL A 231 -4.40 14.68 -26.32
N VAL A 232 -4.85 13.63 -25.65
CA VAL A 232 -4.91 13.65 -24.20
C VAL A 232 -4.35 12.34 -23.65
N VAL A 233 -3.40 12.50 -22.76
CA VAL A 233 -2.68 11.48 -22.02
C VAL A 233 -3.17 11.42 -20.57
N GLY A 234 -3.90 10.37 -20.23
CA GLY A 234 -4.30 9.96 -18.90
C GLY A 234 -3.87 8.53 -18.61
N ILE A 235 -2.56 8.35 -18.51
CA ILE A 235 -1.89 7.09 -18.27
C ILE A 235 -1.68 6.85 -16.78
N GLY A 236 -2.20 7.75 -15.94
CA GLY A 236 -2.03 7.63 -14.50
C GLY A 236 -1.11 8.66 -13.90
N VAL A 237 -1.15 8.78 -12.58
CA VAL A 237 -0.45 9.72 -11.74
C VAL A 237 0.60 9.06 -10.86
N LEU A 238 1.74 9.70 -10.66
CA LEU A 238 2.75 9.18 -9.73
C LEU A 238 2.81 10.05 -8.48
N ALA A 239 3.09 9.49 -7.31
CA ALA A 239 3.12 10.37 -6.13
C ALA A 239 4.20 11.44 -6.27
N ASN A 240 3.91 12.62 -5.73
CA ASN A 240 4.95 13.65 -5.66
C ASN A 240 5.58 13.55 -4.27
N ASP A 241 6.40 12.52 -4.04
CA ASP A 241 6.95 12.41 -2.70
C ASP A 241 8.37 12.92 -2.65
N ALA A 242 8.74 13.66 -3.67
CA ALA A 242 10.11 14.12 -3.90
C ALA A 242 10.73 14.73 -2.66
N LEU A 243 9.98 15.59 -1.97
CA LEU A 243 10.56 16.26 -0.82
C LEU A 243 10.76 15.27 0.33
N ALA A 244 10.01 14.18 0.24
CA ALA A 244 10.00 13.14 1.26
C ALA A 244 11.24 12.28 1.18
N ARG A 245 11.54 11.76 -0.02
CA ARG A 245 12.72 10.88 -0.08
C ARG A 245 13.96 11.72 0.19
N ALA A 246 13.85 12.97 -0.24
CA ALA A 246 14.96 13.91 -0.13
C ALA A 246 15.39 14.03 1.33
N ALA A 247 14.40 14.04 2.22
CA ALA A 247 14.67 14.26 3.63
C ALA A 247 14.78 12.97 4.40
N GLY A 248 14.83 11.82 3.72
CA GLY A 248 15.01 10.56 4.40
C GLY A 248 13.81 9.83 4.90
N LEU A 249 12.60 10.12 4.47
CA LEU A 249 11.44 9.40 5.00
C LEU A 249 11.19 8.11 4.20
N ALA A 250 10.46 7.15 4.74
CA ALA A 250 10.15 5.92 4.00
C ALA A 250 9.25 6.18 2.79
N CYS A 251 9.67 5.88 1.56
CA CYS A 251 8.95 6.09 0.32
C CYS A 251 9.13 5.03 -0.78
N ASP A 252 8.06 4.63 -1.43
CA ASP A 252 8.07 3.65 -2.54
C ASP A 252 6.92 4.07 -3.47
N ASP A 253 7.23 5.02 -4.35
CA ASP A 253 6.25 5.78 -5.12
C ASP A 253 5.09 6.11 -4.20
N GLY A 254 5.39 6.99 -3.25
CA GLY A 254 4.37 7.38 -2.27
C GLY A 254 4.97 7.32 -0.86
N ILE A 255 4.46 8.15 0.04
CA ILE A 255 4.99 8.15 1.42
C ILE A 255 4.27 7.24 2.38
N PHE A 256 4.98 6.29 3.02
CA PHE A 256 4.31 5.42 3.97
C PHE A 256 3.84 6.16 5.22
N VAL A 257 2.63 5.89 5.69
CA VAL A 257 1.99 6.39 6.90
C VAL A 257 1.18 5.31 7.62
N ASP A 258 1.16 5.30 8.94
CA ASP A 258 0.36 4.44 9.78
C ASP A 258 -1.01 5.04 9.95
N ALA A 259 -1.78 4.53 10.90
CA ALA A 259 -3.19 4.89 11.06
C ALA A 259 -3.42 6.33 11.50
N TYR A 260 -2.38 7.01 11.99
CA TYR A 260 -2.63 8.44 12.32
C TYR A 260 -2.00 9.36 11.31
N GLY A 261 -1.50 8.85 10.19
CA GLY A 261 -0.90 9.65 9.16
C GLY A 261 0.57 9.95 9.47
N ARG A 262 1.16 9.21 10.39
CA ARG A 262 2.57 9.34 10.67
C ARG A 262 3.44 8.67 9.62
N THR A 263 4.47 9.42 9.26
CA THR A 263 5.61 9.04 8.49
C THR A 263 6.69 8.42 9.37
N THR A 264 7.81 8.02 8.76
CA THR A 264 8.93 7.50 9.52
C THR A 264 9.70 8.68 10.12
N CYS A 265 9.23 9.91 9.90
CA CYS A 265 10.03 11.04 10.36
C CYS A 265 9.29 11.78 11.47
N PRO A 266 9.91 11.86 12.64
CA PRO A 266 9.29 12.58 13.76
C PRO A 266 8.87 13.98 13.36
N ASP A 267 7.66 14.34 13.77
CA ASP A 267 6.96 15.58 13.49
C ASP A 267 6.50 15.71 12.05
N VAL A 268 6.47 14.62 11.28
CA VAL A 268 6.01 14.82 9.88
C VAL A 268 4.94 13.75 9.59
N TYR A 269 3.83 14.23 9.08
CA TYR A 269 2.61 13.58 8.63
C TYR A 269 2.40 13.69 7.13
N ALA A 270 1.41 12.94 6.64
CA ALA A 270 1.21 12.86 5.20
C ALA A 270 -0.19 12.35 4.86
N LEU A 271 -0.78 12.95 3.85
CA LEU A 271 -2.18 12.64 3.56
C LEU A 271 -2.49 12.71 2.06
N GLY A 272 -3.58 12.02 1.70
CA GLY A 272 -4.05 12.17 0.33
C GLY A 272 -3.25 11.36 -0.67
N ASP A 273 -3.39 11.70 -1.94
CA ASP A 273 -2.78 10.92 -3.00
C ASP A 273 -1.32 10.59 -2.77
N VAL A 274 -0.59 11.49 -2.10
CA VAL A 274 0.86 11.32 -2.02
C VAL A 274 1.26 10.09 -1.23
N THR A 275 0.34 9.56 -0.43
CA THR A 275 0.70 8.58 0.56
C THR A 275 0.37 7.11 0.24
N ARG A 276 1.13 6.22 0.87
CA ARG A 276 0.90 4.79 0.82
C ARG A 276 0.53 4.25 2.20
N GLN A 277 -0.73 3.86 2.33
CA GLN A 277 -1.28 3.32 3.57
C GLN A 277 -1.88 1.93 3.41
N ARG A 278 -2.19 1.33 4.55
CA ARG A 278 -2.84 0.03 4.56
C ARG A 278 -4.24 0.17 3.94
N ASN A 279 -4.57 -0.83 3.14
CA ASN A 279 -5.92 -1.14 2.67
C ASN A 279 -6.38 -2.22 3.63
N PRO A 280 -7.25 -1.93 4.58
CA PRO A 280 -7.61 -2.96 5.56
C PRO A 280 -8.23 -4.18 4.87
N LEU A 281 -8.83 -3.93 3.71
CA LEU A 281 -9.41 -5.01 2.89
C LEU A 281 -8.37 -5.98 2.33
N SER A 282 -7.19 -5.48 2.00
CA SER A 282 -6.14 -6.30 1.40
C SER A 282 -5.01 -6.52 2.38
N GLY A 283 -4.70 -5.48 3.16
CA GLY A 283 -3.65 -5.63 4.17
C GLY A 283 -2.34 -5.10 3.65
N ARG A 284 -2.35 -4.84 2.34
CA ARG A 284 -1.23 -4.28 1.64
C ARG A 284 -1.27 -2.76 1.70
N PHE A 285 -0.09 -2.18 1.73
CA PHE A 285 0.14 -0.75 1.59
C PHE A 285 0.14 -0.27 0.14
N GLU A 286 -0.95 0.38 -0.20
CA GLU A 286 -1.35 0.90 -1.48
C GLU A 286 -1.42 2.41 -1.39
N ARG A 287 -1.25 3.11 -2.47
CA ARG A 287 -1.68 4.50 -2.63
C ARG A 287 -3.15 4.41 -3.05
N ILE A 288 -3.98 5.28 -2.51
CA ILE A 288 -5.41 5.26 -2.69
C ILE A 288 -5.86 6.53 -3.39
N GLU A 289 -6.07 6.50 -4.70
CA GLU A 289 -6.24 7.73 -5.47
C GLU A 289 -7.69 8.20 -5.58
N THR A 290 -8.39 8.46 -4.47
CA THR A 290 -9.81 8.83 -4.39
C THR A 290 -10.07 10.13 -3.63
N TRP A 291 -11.10 10.86 -4.06
CA TRP A 291 -11.52 12.07 -3.35
C TRP A 291 -11.76 11.66 -1.89
N SER A 292 -12.69 10.77 -1.75
CA SER A 292 -13.08 10.03 -0.56
C SER A 292 -11.96 9.95 0.46
N ASN A 293 -10.78 9.50 0.06
CA ASN A 293 -9.58 9.34 0.87
C ASN A 293 -8.91 10.68 1.19
N ALA A 294 -8.97 11.49 0.15
CA ALA A 294 -8.35 12.80 0.15
C ALA A 294 -8.89 13.59 1.35
N GLN A 295 -10.21 13.55 1.50
CA GLN A 295 -10.94 14.23 2.56
C GLN A 295 -10.90 13.50 3.90
N ASN A 296 -11.33 12.24 3.95
CA ASN A 296 -11.61 11.60 5.22
C ASN A 296 -10.36 11.21 6.00
N GLN A 297 -9.24 11.04 5.30
CA GLN A 297 -7.96 10.69 5.94
C GLN A 297 -7.41 12.00 6.55
N GLY A 298 -7.83 13.02 5.87
CA GLY A 298 -7.62 14.45 6.07
C GLY A 298 -8.06 14.73 7.52
N ILE A 299 -9.35 14.64 7.73
CA ILE A 299 -10.16 14.76 8.91
C ILE A 299 -9.72 13.81 10.00
N ALA A 300 -9.65 12.52 9.63
CA ALA A 300 -9.24 11.55 10.64
C ALA A 300 -7.86 11.86 11.17
N VAL A 301 -7.03 12.55 10.40
CA VAL A 301 -5.65 12.75 10.86
C VAL A 301 -5.56 14.04 11.69
N ALA A 302 -6.33 15.05 11.33
CA ALA A 302 -6.26 16.31 12.06
C ALA A 302 -7.00 16.25 13.39
N ARG A 303 -7.96 15.34 13.57
CA ARG A 303 -8.70 15.16 14.81
C ARG A 303 -7.92 14.29 15.77
N HIS A 304 -7.14 13.36 15.21
CA HIS A 304 -6.31 12.56 16.12
C HIS A 304 -5.17 13.43 16.63
N LEU A 305 -4.81 14.42 15.84
CA LEU A 305 -3.73 15.34 16.18
C LEU A 305 -4.15 16.23 17.34
N VAL A 306 -5.45 16.45 17.41
CA VAL A 306 -6.12 17.26 18.40
C VAL A 306 -6.79 16.41 19.47
N ASP A 307 -7.00 15.13 19.18
CA ASP A 307 -7.61 14.28 20.21
C ASP A 307 -7.08 12.85 20.05
N PRO A 308 -6.12 12.51 20.90
CA PRO A 308 -5.33 11.29 20.82
C PRO A 308 -6.02 10.11 21.48
N THR A 309 -7.19 10.31 22.09
CA THR A 309 -7.88 9.13 22.61
C THR A 309 -8.74 8.54 21.47
N ALA A 310 -8.85 9.33 20.43
CA ALA A 310 -9.56 9.16 19.18
C ALA A 310 -8.86 8.18 18.24
N PRO A 311 -9.60 7.56 17.33
CA PRO A 311 -8.99 6.51 16.52
C PRO A 311 -8.26 7.04 15.31
N GLY A 312 -7.41 6.19 14.72
CA GLY A 312 -6.74 6.66 13.51
C GLY A 312 -7.64 6.29 12.33
N TYR A 313 -7.24 6.71 11.16
CA TYR A 313 -8.05 6.46 9.97
C TYR A 313 -8.42 4.97 9.88
N ALA A 314 -9.70 4.67 9.65
CA ALA A 314 -10.15 3.29 9.57
C ALA A 314 -11.11 3.01 8.42
N GLU A 315 -11.75 4.01 7.85
CA GLU A 315 -12.76 3.94 6.81
C GLU A 315 -12.32 3.06 5.64
N LEU A 316 -13.27 2.61 4.82
CA LEU A 316 -12.89 1.73 3.71
C LEU A 316 -12.91 2.46 2.38
N PRO A 317 -12.04 2.09 1.44
CA PRO A 317 -11.94 2.85 0.19
C PRO A 317 -13.16 2.69 -0.72
N TRP A 318 -13.45 3.78 -1.42
CA TRP A 318 -14.49 3.89 -2.43
C TRP A 318 -14.31 5.14 -3.27
N TYR A 319 -14.78 5.13 -4.50
CA TYR A 319 -14.72 6.29 -5.40
C TYR A 319 -15.90 6.35 -6.37
N TRP A 320 -15.99 7.37 -7.19
CA TRP A 320 -17.02 7.49 -8.22
C TRP A 320 -16.35 7.81 -9.57
N SER A 321 -17.18 7.85 -10.60
CA SER A 321 -16.82 8.25 -11.96
C SER A 321 -18.10 8.69 -12.66
N ASP A 322 -18.18 9.88 -13.26
CA ASP A 322 -19.46 10.19 -13.89
C ASP A 322 -19.27 10.34 -15.40
N GLN A 323 -19.10 9.22 -16.09
CA GLN A 323 -18.91 9.27 -17.55
C GLN A 323 -20.21 9.13 -18.33
N GLY A 324 -20.60 10.20 -19.03
CA GLY A 324 -21.79 10.19 -19.85
C GLY A 324 -23.06 9.82 -19.11
N ALA A 325 -23.81 8.88 -19.66
CA ALA A 325 -25.00 8.26 -19.12
C ALA A 325 -24.69 7.22 -18.04
N LEU A 326 -23.75 7.52 -17.15
CA LEU A 326 -23.34 6.51 -16.18
C LEU A 326 -22.65 7.15 -14.96
N ARG A 327 -23.45 7.28 -13.92
CA ARG A 327 -23.10 7.61 -12.55
C ARG A 327 -22.70 6.35 -11.80
N ILE A 328 -21.41 6.08 -11.81
CA ILE A 328 -20.83 4.87 -11.27
C ILE A 328 -20.21 5.01 -9.87
N GLN A 329 -20.51 4.13 -8.92
CA GLN A 329 -19.79 4.16 -7.65
C GLN A 329 -19.13 2.82 -7.35
N VAL A 330 -17.83 2.82 -7.04
CA VAL A 330 -17.14 1.57 -6.76
C VAL A 330 -16.58 1.54 -5.35
N ALA A 331 -16.80 0.53 -4.53
CA ALA A 331 -16.22 0.46 -3.20
C ALA A 331 -15.47 -0.85 -2.97
N GLY A 332 -14.50 -0.79 -2.07
CA GLY A 332 -13.66 -1.90 -1.66
C GLY A 332 -12.97 -2.61 -2.80
N LEU A 333 -12.89 -3.92 -2.76
CA LEU A 333 -12.05 -4.69 -3.69
C LEU A 333 -12.72 -4.89 -5.04
N ALA A 334 -11.92 -4.94 -6.11
CA ALA A 334 -12.47 -5.12 -7.45
C ALA A 334 -12.69 -6.59 -7.79
N SER A 335 -12.09 -7.46 -7.01
CA SER A 335 -11.88 -8.88 -7.12
C SER A 335 -12.51 -9.71 -6.02
N GLY A 336 -13.24 -10.77 -6.37
CA GLY A 336 -13.76 -11.71 -5.40
C GLY A 336 -13.73 -13.12 -5.95
N ASP A 337 -14.14 -14.13 -5.18
CA ASP A 337 -14.22 -15.48 -5.73
C ASP A 337 -15.62 -15.75 -6.28
N GLU A 338 -16.55 -14.85 -5.97
CA GLU A 338 -17.92 -14.84 -6.44
C GLU A 338 -18.48 -13.42 -6.60
N GLU A 339 -19.31 -13.30 -7.64
CA GLU A 339 -19.95 -12.08 -8.06
C GLU A 339 -21.47 -12.26 -8.03
N ILE A 340 -22.20 -11.28 -7.51
CA ILE A 340 -23.66 -11.28 -7.52
C ILE A 340 -24.20 -10.06 -8.24
N VAL A 341 -25.23 -10.24 -9.04
CA VAL A 341 -25.78 -9.16 -9.85
C VAL A 341 -27.18 -8.73 -9.53
N ARG A 342 -27.45 -7.42 -9.57
CA ARG A 342 -28.81 -6.92 -9.37
C ARG A 342 -29.12 -5.86 -10.42
N GLY A 343 -30.36 -5.87 -10.90
CA GLY A 343 -30.92 -4.81 -11.72
C GLY A 343 -30.87 -5.07 -13.20
N GLU A 344 -30.91 -4.02 -14.03
CA GLU A 344 -30.88 -4.19 -15.47
C GLU A 344 -29.65 -3.59 -16.14
N VAL A 345 -28.75 -4.49 -16.52
CA VAL A 345 -27.51 -4.16 -17.20
C VAL A 345 -27.73 -3.89 -18.69
N SER A 346 -28.23 -2.69 -18.97
CA SER A 346 -28.55 -2.26 -20.32
C SER A 346 -27.85 -0.96 -20.67
N LEU A 347 -27.44 -0.82 -21.93
CA LEU A 347 -26.65 0.35 -22.31
C LEU A 347 -27.53 1.55 -22.59
N ASP A 348 -28.82 1.45 -22.31
CA ASP A 348 -29.79 2.47 -22.63
C ASP A 348 -30.64 2.87 -21.43
N ALA A 349 -30.76 1.96 -20.48
CA ALA A 349 -31.40 2.10 -19.20
C ALA A 349 -30.56 1.45 -18.11
N PRO A 350 -29.25 1.70 -18.03
CA PRO A 350 -28.45 0.93 -17.08
C PRO A 350 -28.78 1.40 -15.65
N LYS A 351 -29.17 0.46 -14.81
CA LYS A 351 -29.45 0.66 -13.41
C LYS A 351 -29.29 -0.64 -12.65
N PHE A 352 -28.08 -0.77 -12.10
CA PHE A 352 -27.68 -1.96 -11.40
C PHE A 352 -26.53 -1.69 -10.41
N THR A 353 -26.24 -2.76 -9.74
CA THR A 353 -25.27 -3.08 -8.73
C THR A 353 -24.65 -4.46 -8.90
N LEU A 354 -23.36 -4.53 -8.70
CA LEU A 354 -22.47 -5.66 -8.56
C LEU A 354 -22.01 -5.75 -7.10
N ILE A 355 -21.97 -6.94 -6.57
CA ILE A 355 -21.46 -7.34 -5.27
C ILE A 355 -20.35 -8.38 -5.39
N GLU A 356 -19.21 -8.05 -4.79
CA GLU A 356 -18.12 -9.03 -4.89
C GLU A 356 -17.81 -9.62 -3.54
N LEU A 357 -17.72 -10.96 -3.49
CA LEU A 357 -17.61 -11.67 -2.24
C LEU A 357 -16.36 -12.53 -2.19
N GLN A 358 -15.98 -12.95 -0.98
CA GLN A 358 -14.82 -13.85 -0.91
C GLN A 358 -15.04 -14.77 0.28
N LYS A 359 -15.13 -16.06 -0.02
CA LYS A 359 -15.65 -17.05 0.90
C LYS A 359 -16.80 -16.48 1.75
N GLY A 360 -17.80 -15.92 1.07
CA GLY A 360 -19.00 -15.49 1.74
C GLY A 360 -19.02 -14.02 2.12
N ARG A 361 -17.88 -13.50 2.55
CA ARG A 361 -17.75 -12.12 3.02
C ARG A 361 -17.73 -11.12 1.87
N ILE A 362 -18.51 -10.08 1.91
CA ILE A 362 -18.50 -8.99 0.94
C ILE A 362 -17.15 -8.27 0.96
N VAL A 363 -16.39 -8.28 -0.12
CA VAL A 363 -15.14 -7.56 -0.27
C VAL A 363 -15.32 -6.31 -1.13
N GLY A 364 -16.51 -6.09 -1.70
CA GLY A 364 -16.67 -4.94 -2.56
C GLY A 364 -17.99 -4.88 -3.31
N ALA A 365 -18.18 -3.83 -4.11
CA ALA A 365 -19.50 -3.56 -4.64
C ALA A 365 -19.53 -2.26 -5.44
N THR A 366 -20.22 -2.32 -6.57
CA THR A 366 -20.36 -1.19 -7.46
C THR A 366 -21.82 -0.82 -7.62
N CYS A 367 -22.04 0.37 -8.16
CA CYS A 367 -23.43 0.76 -8.42
C CYS A 367 -23.46 1.65 -9.66
N VAL A 368 -24.31 1.24 -10.62
CA VAL A 368 -24.39 2.09 -11.81
C VAL A 368 -25.81 2.65 -11.88
N ASN A 369 -25.90 3.92 -11.45
CA ASN A 369 -27.18 4.61 -11.47
C ASN A 369 -28.14 4.05 -10.44
N ASN A 370 -27.60 3.61 -9.31
CA ASN A 370 -28.37 2.94 -8.28
C ASN A 370 -27.93 3.35 -6.87
N ALA A 371 -27.76 4.65 -6.65
CA ALA A 371 -27.21 5.23 -5.43
C ALA A 371 -27.74 4.60 -4.16
N ARG A 372 -29.05 4.42 -4.14
CA ARG A 372 -29.76 3.83 -3.00
C ARG A 372 -29.16 2.53 -2.53
N ASP A 373 -28.41 1.79 -3.36
CA ASP A 373 -27.78 0.58 -2.86
C ASP A 373 -26.43 0.87 -2.20
N PHE A 374 -25.76 1.93 -2.65
CA PHE A 374 -24.38 2.11 -2.27
C PHE A 374 -24.14 2.15 -0.77
N ALA A 375 -24.66 3.18 -0.12
CA ALA A 375 -24.49 3.35 1.32
C ALA A 375 -24.68 2.06 2.08
N PRO A 376 -25.78 1.32 1.89
CA PRO A 376 -25.97 0.08 2.66
C PRO A 376 -24.96 -0.98 2.29
N LEU A 377 -24.49 -1.02 1.03
CA LEU A 377 -23.51 -2.09 0.81
C LEU A 377 -22.18 -1.75 1.47
N ARG A 378 -21.84 -0.46 1.46
CA ARG A 378 -20.60 0.00 2.10
C ARG A 378 -20.60 -0.33 3.58
N ARG A 379 -21.77 -0.31 4.23
CA ARG A 379 -21.70 -0.52 5.69
C ARG A 379 -21.53 -2.00 6.01
N LEU A 380 -22.16 -2.81 5.16
CA LEU A 380 -21.94 -4.24 5.10
C LEU A 380 -20.45 -4.55 4.89
N LEU A 381 -19.80 -3.89 3.96
CA LEU A 381 -18.36 -3.96 3.70
C LEU A 381 -17.56 -3.70 4.98
N ALA A 382 -17.88 -2.53 5.55
CA ALA A 382 -17.24 -2.04 6.76
C ALA A 382 -17.28 -3.05 7.88
N VAL A 383 -18.29 -3.92 7.95
CA VAL A 383 -18.17 -4.92 9.04
C VAL A 383 -17.81 -6.29 8.46
N GLY A 384 -17.32 -6.31 7.24
CA GLY A 384 -17.00 -7.54 6.54
C GLY A 384 -18.11 -8.58 6.63
N ALA A 385 -19.34 -8.23 6.29
CA ALA A 385 -20.45 -9.15 6.47
C ALA A 385 -20.56 -10.17 5.34
N LYS A 386 -21.01 -11.36 5.71
CA LYS A 386 -21.29 -12.45 4.77
C LYS A 386 -22.77 -12.73 4.73
N PRO A 387 -23.57 -11.90 4.09
CA PRO A 387 -25.01 -12.07 4.26
C PRO A 387 -25.55 -13.31 3.56
N ASP A 388 -26.86 -13.51 3.66
CA ASP A 388 -27.40 -14.67 2.96
C ASP A 388 -27.32 -14.44 1.44
N ARG A 389 -26.53 -15.29 0.81
CA ARG A 389 -26.25 -15.36 -0.61
C ARG A 389 -27.51 -15.19 -1.44
N ALA A 390 -28.54 -15.95 -1.06
CA ALA A 390 -29.76 -15.89 -1.89
C ALA A 390 -30.50 -14.60 -1.66
N ALA A 391 -30.26 -14.02 -0.46
CA ALA A 391 -31.13 -12.83 -0.25
C ALA A 391 -30.52 -11.68 -0.99
N LEU A 392 -29.18 -11.72 -0.97
CA LEU A 392 -28.46 -10.69 -1.73
C LEU A 392 -28.84 -10.68 -3.19
N ALA A 393 -29.19 -11.84 -3.75
CA ALA A 393 -29.59 -11.89 -5.15
C ALA A 393 -31.10 -11.72 -5.34
N ASP A 394 -31.86 -11.55 -4.28
CA ASP A 394 -33.31 -11.37 -4.32
C ASP A 394 -33.69 -9.90 -4.39
N PRO A 395 -34.00 -9.45 -5.60
CA PRO A 395 -34.38 -8.07 -5.86
C PRO A 395 -35.55 -7.58 -4.99
N ALA A 396 -36.31 -8.44 -4.33
CA ALA A 396 -37.33 -7.95 -3.41
C ALA A 396 -36.64 -7.53 -2.10
N THR A 397 -35.38 -7.98 -1.99
CA THR A 397 -34.61 -7.61 -0.83
C THR A 397 -34.20 -6.14 -0.91
N ASP A 398 -34.48 -5.37 0.14
CA ASP A 398 -33.88 -4.03 0.10
C ASP A 398 -32.65 -4.07 1.00
N LEU A 399 -31.52 -3.57 0.51
CA LEU A 399 -30.24 -3.73 1.19
C LEU A 399 -30.09 -2.78 2.37
N ARG A 400 -31.09 -1.93 2.58
CA ARG A 400 -31.07 -0.94 3.65
C ARG A 400 -31.57 -1.57 4.94
N LYS A 401 -32.73 -2.21 4.90
CA LYS A 401 -33.22 -2.96 6.04
C LYS A 401 -32.27 -4.10 6.39
N LEU A 402 -31.57 -4.61 5.37
CA LEU A 402 -30.55 -5.62 5.66
C LEU A 402 -29.35 -4.95 6.31
N ALA A 403 -28.83 -3.91 5.64
CA ALA A 403 -27.74 -3.15 6.22
C ALA A 403 -28.08 -2.67 7.63
N ALA A 404 -29.21 -1.98 7.77
CA ALA A 404 -29.64 -1.38 9.03
C ALA A 404 -29.87 -2.38 10.14
N ALA A 405 -30.73 -3.36 9.93
CA ALA A 405 -31.09 -4.31 10.98
C ALA A 405 -29.89 -5.00 11.61
N VAL A 406 -29.95 -6.33 11.69
CA VAL A 406 -28.86 -7.17 12.16
C VAL A 406 -27.52 -6.74 11.57
N THR B 2 -45.65 33.96 -8.31
CA THR B 2 -47.03 33.53 -8.11
C THR B 2 -47.08 32.19 -7.40
N PHE B 3 -47.68 32.14 -6.22
CA PHE B 3 -47.73 30.84 -5.55
C PHE B 3 -48.56 29.85 -6.35
N THR B 4 -48.01 28.64 -6.50
CA THR B 4 -48.63 27.54 -7.21
C THR B 4 -48.53 26.26 -6.37
N LYS B 5 -49.65 25.58 -6.18
CA LYS B 5 -49.84 24.42 -5.33
C LYS B 5 -49.09 23.18 -5.77
N ALA B 6 -48.00 22.83 -5.10
CA ALA B 6 -47.15 21.72 -5.55
C ALA B 6 -47.61 20.39 -4.99
N CYS B 7 -48.28 20.41 -3.84
CA CYS B 7 -48.90 19.13 -3.44
C CYS B 7 -49.84 19.33 -2.25
N SER B 8 -50.04 18.22 -1.54
CA SER B 8 -50.88 18.13 -0.37
C SER B 8 -50.00 17.93 0.86
N VAL B 9 -50.59 18.14 2.03
CA VAL B 9 -49.82 18.02 3.26
C VAL B 9 -49.70 16.58 3.72
N ASP B 10 -50.11 15.67 2.82
CA ASP B 10 -50.09 14.24 3.11
C ASP B 10 -49.20 13.51 2.11
N GLU B 11 -49.14 14.02 0.89
CA GLU B 11 -48.22 13.47 -0.10
C GLU B 11 -46.79 13.41 0.46
N VAL B 12 -46.45 14.40 1.27
CA VAL B 12 -45.19 14.62 1.94
C VAL B 12 -45.34 14.56 3.46
N PRO B 13 -45.05 13.39 4.04
CA PRO B 13 -45.23 13.14 5.47
C PRO B 13 -43.97 13.44 6.27
N PRO B 14 -44.03 13.38 7.59
CA PRO B 14 -42.86 13.64 8.44
C PRO B 14 -41.62 12.89 7.97
N GLY B 15 -40.47 13.52 8.05
CA GLY B 15 -39.20 12.99 7.62
C GLY B 15 -39.14 12.45 6.22
N GLU B 16 -40.13 12.74 5.36
CA GLU B 16 -40.03 12.23 4.00
C GLU B 16 -39.93 13.36 3.00
N ALA B 17 -40.01 13.05 1.70
CA ALA B 17 -39.90 14.17 0.77
C ALA B 17 -40.35 13.81 -0.64
N LEU B 18 -41.19 14.67 -1.20
CA LEU B 18 -41.67 14.50 -2.56
C LEU B 18 -41.24 15.65 -3.46
N GLN B 19 -40.56 15.31 -4.55
CA GLN B 19 -40.22 16.26 -5.60
C GLN B 19 -41.44 16.98 -6.11
N VAL B 20 -41.23 18.05 -6.87
CA VAL B 20 -42.37 18.65 -7.58
C VAL B 20 -41.83 19.29 -8.87
N SER B 21 -42.44 18.90 -9.98
CA SER B 21 -41.94 19.22 -11.31
C SER B 21 -42.69 20.34 -12.00
N HIS B 22 -42.81 21.48 -11.31
CA HIS B 22 -43.47 22.63 -11.93
C HIS B 22 -42.79 22.99 -13.25
N ASP B 23 -43.51 22.80 -14.35
CA ASP B 23 -42.92 23.08 -15.67
C ASP B 23 -41.84 22.06 -15.96
N ALA B 24 -40.61 22.41 -15.61
CA ALA B 24 -39.45 21.55 -15.59
C ALA B 24 -38.57 21.96 -14.38
N GLN B 25 -39.22 22.74 -13.53
CA GLN B 25 -38.74 23.25 -12.27
C GLN B 25 -38.89 22.17 -11.20
N LYS B 26 -38.09 21.12 -11.34
CA LYS B 26 -38.12 20.09 -10.31
C LYS B 26 -37.73 20.70 -8.97
N VAL B 27 -38.56 20.46 -7.96
CA VAL B 27 -38.39 21.12 -6.67
C VAL B 27 -38.49 20.12 -5.53
N ALA B 28 -37.53 20.21 -4.60
CA ALA B 28 -37.54 19.32 -3.46
C ALA B 28 -38.41 19.87 -2.34
N ILE B 29 -39.32 19.04 -1.86
CA ILE B 29 -40.16 19.36 -0.75
C ILE B 29 -39.88 18.44 0.43
N PHE B 30 -39.63 19.03 1.60
CA PHE B 30 -39.44 18.16 2.75
C PHE B 30 -40.34 18.59 3.91
N ASN B 31 -40.76 17.60 4.71
CA ASN B 31 -41.50 17.87 5.93
C ASN B 31 -40.61 17.59 7.14
N VAL B 32 -40.32 18.62 7.92
CA VAL B 32 -39.50 18.43 9.11
C VAL B 32 -40.27 18.71 10.39
N ASP B 33 -40.81 17.65 10.98
CA ASP B 33 -41.52 17.63 12.24
C ASP B 33 -42.85 18.38 12.18
N GLY B 34 -43.20 18.87 10.99
CA GLY B 34 -44.43 19.62 10.84
C GLY B 34 -44.25 20.86 9.99
N GLU B 35 -42.99 21.18 9.66
CA GLU B 35 -42.79 22.37 8.85
C GLU B 35 -42.29 21.95 7.47
N PHE B 36 -42.74 22.68 6.47
CA PHE B 36 -42.34 22.41 5.10
C PHE B 36 -41.30 23.39 4.60
N PHE B 37 -40.26 22.84 3.99
CA PHE B 37 -39.20 23.63 3.39
C PHE B 37 -38.96 23.08 1.98
N ALA B 38 -39.17 23.90 0.97
CA ALA B 38 -39.00 23.47 -0.42
C ALA B 38 -37.68 23.96 -0.98
N THR B 39 -36.87 23.06 -1.51
CA THR B 39 -35.58 23.43 -2.08
C THR B 39 -35.43 23.06 -3.55
N GLN B 40 -34.29 23.43 -4.13
CA GLN B 40 -34.02 22.92 -5.48
C GLN B 40 -33.71 21.44 -5.40
N ASP B 41 -34.34 20.61 -6.23
CA ASP B 41 -34.20 19.17 -6.06
C ASP B 41 -32.84 18.64 -6.43
N GLN B 42 -32.09 19.39 -7.23
CA GLN B 42 -30.84 18.91 -7.77
C GLN B 42 -29.63 19.25 -6.90
N CYS B 43 -28.86 18.24 -6.52
CA CYS B 43 -27.64 18.45 -5.75
C CYS B 43 -26.63 19.25 -6.56
N THR B 44 -26.15 20.33 -5.95
CA THR B 44 -25.23 21.24 -6.63
C THR B 44 -23.92 20.59 -7.02
N HIS B 45 -23.65 19.40 -6.45
CA HIS B 45 -22.38 18.79 -6.84
C HIS B 45 -22.53 18.06 -8.17
N GLY B 46 -23.32 16.99 -8.22
CA GLY B 46 -23.39 16.22 -9.46
C GLY B 46 -24.81 16.10 -10.00
N GLU B 47 -25.67 17.05 -9.64
CA GLU B 47 -27.07 17.12 -9.98
C GLU B 47 -27.73 15.75 -9.97
N TRP B 48 -27.71 15.20 -8.77
CA TRP B 48 -28.47 14.02 -8.39
C TRP B 48 -29.74 14.52 -7.69
N SER B 49 -30.77 13.69 -7.67
CA SER B 49 -32.02 14.00 -7.01
C SER B 49 -31.97 13.89 -5.49
N LEU B 50 -32.25 15.02 -4.85
CA LEU B 50 -32.24 15.03 -3.39
C LEU B 50 -33.50 14.42 -2.84
N SER B 51 -34.67 14.72 -3.41
CA SER B 51 -35.82 14.01 -2.82
C SER B 51 -35.82 12.55 -3.19
N GLU B 52 -35.44 12.14 -4.41
CA GLU B 52 -35.57 10.70 -4.67
C GLU B 52 -34.23 10.00 -4.48
N GLY B 53 -34.12 9.23 -3.39
CA GLY B 53 -32.88 8.53 -3.14
C GLY B 53 -32.11 9.03 -1.93
N GLY B 54 -32.24 10.31 -1.58
CA GLY B 54 -31.52 10.99 -0.53
C GLY B 54 -32.01 10.73 0.87
N TYR B 55 -31.24 11.13 1.88
CA TYR B 55 -31.62 10.81 3.26
C TYR B 55 -31.82 12.02 4.16
N LEU B 56 -33.06 12.44 4.45
CA LEU B 56 -33.25 13.55 5.38
C LEU B 56 -33.35 13.02 6.82
N ASP B 57 -32.31 13.39 7.56
CA ASP B 57 -32.09 13.17 8.98
C ASP B 57 -32.25 14.51 9.69
N GLY B 58 -33.41 14.74 10.31
CA GLY B 58 -33.61 16.07 10.86
C GLY B 58 -33.97 17.06 9.75
N ASP B 59 -33.13 18.05 9.53
CA ASP B 59 -33.29 19.12 8.57
C ASP B 59 -32.06 19.17 7.64
N VAL B 60 -31.40 18.03 7.61
CA VAL B 60 -30.23 17.65 6.88
C VAL B 60 -30.57 16.58 5.84
N VAL B 61 -30.36 16.93 4.59
CA VAL B 61 -30.51 16.02 3.46
C VAL B 61 -29.12 15.58 2.98
N GLU B 62 -28.97 14.26 3.01
CA GLU B 62 -27.77 13.62 2.48
C GLU B 62 -28.00 13.08 1.06
N CYS B 63 -26.96 13.17 0.25
CA CYS B 63 -26.91 12.74 -1.15
C CYS B 63 -26.48 11.28 -1.22
N SER B 64 -27.23 10.43 -1.95
CA SER B 64 -26.78 9.03 -1.91
C SER B 64 -25.63 8.81 -2.89
N LEU B 65 -25.54 9.71 -3.87
CA LEU B 65 -24.48 9.52 -4.86
C LEU B 65 -23.11 9.65 -4.21
N HIS B 66 -22.78 10.82 -3.69
CA HIS B 66 -21.46 11.08 -3.13
C HIS B 66 -21.55 11.35 -1.64
N MET B 67 -22.77 11.34 -1.10
CA MET B 67 -22.92 11.35 0.36
C MET B 67 -22.56 12.70 0.98
N GLY B 68 -22.79 13.73 0.18
CA GLY B 68 -22.77 15.14 0.48
C GLY B 68 -24.04 15.48 1.25
N LYS B 69 -24.10 16.63 1.88
CA LYS B 69 -25.13 16.93 2.87
C LYS B 69 -25.48 18.41 2.90
N PHE B 70 -26.76 18.77 2.97
CA PHE B 70 -27.24 20.14 2.97
C PHE B 70 -28.31 20.42 4.04
N CYS B 71 -28.54 21.71 4.27
CA CYS B 71 -29.65 22.11 5.14
C CYS B 71 -30.88 22.43 4.27
N VAL B 72 -32.00 21.83 4.67
CA VAL B 72 -33.21 22.04 3.88
C VAL B 72 -33.87 23.36 4.23
N ARG B 73 -33.37 24.07 5.24
CA ARG B 73 -34.03 25.34 5.57
C ARG B 73 -33.37 26.52 4.88
N THR B 74 -32.07 26.43 4.62
CA THR B 74 -31.36 27.52 3.93
C THR B 74 -30.71 27.00 2.65
N GLY B 75 -30.57 25.68 2.57
CA GLY B 75 -29.95 25.05 1.41
C GLY B 75 -28.43 25.04 1.55
N LYS B 76 -27.95 25.35 2.75
CA LYS B 76 -26.52 25.42 3.02
C LYS B 76 -25.92 24.04 3.27
N VAL B 77 -24.91 23.72 2.47
CA VAL B 77 -24.13 22.50 2.64
C VAL B 77 -23.68 22.33 4.09
N LYS B 78 -23.92 21.16 4.64
CA LYS B 78 -23.48 20.69 5.94
C LYS B 78 -22.29 19.73 5.78
N SER B 79 -21.96 19.42 4.53
CA SER B 79 -20.85 18.52 4.24
C SER B 79 -20.60 18.37 2.74
N PRO B 80 -19.34 18.60 2.34
CA PRO B 80 -18.96 18.42 0.93
C PRO B 80 -19.17 16.97 0.51
N PRO B 81 -18.94 16.54 -0.73
CA PRO B 81 -18.38 17.26 -1.87
C PRO B 81 -19.06 18.52 -2.35
N PRO B 82 -20.36 18.76 -2.25
CA PRO B 82 -20.94 20.05 -2.67
C PRO B 82 -20.17 21.28 -2.23
N CYS B 83 -19.91 22.19 -3.18
CA CYS B 83 -19.31 23.48 -2.88
C CYS B 83 -20.40 24.55 -2.75
N GLU B 84 -21.52 24.37 -3.46
CA GLU B 84 -22.54 25.42 -3.46
C GLU B 84 -23.83 25.05 -2.72
N PRO B 85 -24.36 26.07 -2.04
CA PRO B 85 -25.67 26.00 -1.40
C PRO B 85 -26.80 25.75 -2.41
N LEU B 86 -27.87 25.20 -1.87
CA LEU B 86 -29.10 24.93 -2.59
C LEU B 86 -29.92 26.18 -2.72
N LYS B 87 -30.49 26.54 -3.87
CA LYS B 87 -31.40 27.69 -3.78
C LYS B 87 -32.74 27.20 -3.21
N VAL B 88 -33.48 28.06 -2.52
CA VAL B 88 -34.69 27.50 -1.90
C VAL B 88 -35.90 28.36 -2.23
N TYR B 89 -37.06 27.70 -2.32
CA TYR B 89 -38.28 28.41 -2.74
C TYR B 89 -39.13 28.79 -1.54
N PRO B 90 -39.80 29.95 -1.58
CA PRO B 90 -40.88 30.25 -0.64
C PRO B 90 -41.97 29.19 -0.70
N ILE B 91 -42.64 28.98 0.42
CA ILE B 91 -43.61 27.89 0.51
C ILE B 91 -44.77 28.23 1.43
N ARG B 92 -45.99 28.17 0.90
CA ARG B 92 -47.14 28.42 1.76
C ARG B 92 -47.96 27.15 1.95
N ILE B 93 -48.52 26.93 3.14
CA ILE B 93 -49.56 25.93 3.29
C ILE B 93 -50.90 26.64 3.38
N GLU B 94 -51.87 26.23 2.58
CA GLU B 94 -53.20 26.87 2.60
C GLU B 94 -54.25 25.80 2.82
N GLY B 95 -54.30 25.29 4.05
CA GLY B 95 -55.23 24.22 4.42
C GLY B 95 -54.62 22.86 4.21
N ARG B 96 -55.00 22.17 3.13
CA ARG B 96 -54.40 20.87 2.88
C ARG B 96 -53.44 20.92 1.70
N ASP B 97 -53.22 22.12 1.20
CA ASP B 97 -52.40 22.30 0.00
C ASP B 97 -51.08 23.00 0.32
N VAL B 98 -50.02 22.60 -0.38
CA VAL B 98 -48.70 23.14 -0.10
C VAL B 98 -48.08 23.88 -1.28
N LEU B 99 -48.14 25.20 -1.19
CA LEU B 99 -47.77 26.29 -2.04
C LEU B 99 -46.28 26.56 -2.17
N VAL B 100 -45.85 26.70 -3.43
CA VAL B 100 -44.49 27.08 -3.78
C VAL B 100 -44.56 28.10 -4.90
N ASP B 101 -43.70 29.09 -4.75
CA ASP B 101 -43.58 30.12 -5.78
C ASP B 101 -42.19 29.91 -6.37
N PHE B 102 -42.25 29.22 -7.50
CA PHE B 102 -41.10 28.78 -8.28
C PHE B 102 -40.27 29.94 -8.80
N SER B 103 -40.75 31.17 -8.67
CA SER B 103 -39.91 32.36 -8.74
C SER B 103 -39.16 32.47 -7.41
N ARG B 104 -38.86 33.66 -6.95
CA ARG B 104 -38.16 34.05 -5.75
C ARG B 104 -37.36 32.97 -5.04
N ALA B 105 -36.67 32.10 -5.78
CA ALA B 105 -35.90 31.01 -5.17
C ALA B 105 -34.54 31.51 -4.71
N ALA B 106 -34.41 31.75 -3.41
CA ALA B 106 -33.22 32.36 -2.84
C ALA B 106 -32.02 31.41 -2.80
N LEU B 107 -30.86 32.04 -2.75
CA LEU B 107 -29.53 31.46 -2.72
C LEU B 107 -28.56 32.41 -2.00
N LEU C 6 18.59 10.19 19.82
CA LEU C 6 19.09 9.25 20.82
C LEU C 6 18.73 9.85 22.18
N LYS C 7 18.23 9.02 23.09
CA LYS C 7 17.64 9.43 24.35
C LYS C 7 17.68 8.27 25.34
N ALA C 8 18.45 8.43 26.42
CA ALA C 8 18.49 7.36 27.43
C ALA C 8 17.22 7.39 28.26
N PRO C 9 16.86 6.28 28.89
CA PRO C 9 17.60 5.02 28.78
C PRO C 9 17.29 4.27 27.48
N VAL C 10 18.26 3.65 26.84
CA VAL C 10 17.98 2.95 25.59
C VAL C 10 17.36 1.57 25.83
N VAL C 11 16.25 1.21 25.21
CA VAL C 11 15.73 -0.13 25.48
C VAL C 11 15.63 -0.98 24.22
N VAL C 12 16.21 -2.19 24.25
CA VAL C 12 16.06 -2.95 23.01
C VAL C 12 15.18 -4.16 23.29
N LEU C 13 14.16 -4.29 22.43
CA LEU C 13 13.38 -5.52 22.67
C LEU C 13 13.90 -6.59 21.71
N GLY C 14 14.35 -7.67 22.31
CA GLY C 14 14.81 -8.91 21.76
C GLY C 14 16.29 -9.11 21.95
N ALA C 15 16.86 -10.32 21.93
CA ALA C 15 18.31 -10.38 22.06
C ALA C 15 18.89 -11.35 21.03
N GLY C 16 18.55 -11.15 19.76
CA GLY C 16 19.15 -11.96 18.71
C GLY C 16 20.36 -11.27 18.12
N LEU C 17 20.80 -11.68 16.92
CA LEU C 17 21.98 -10.99 16.42
C LEU C 17 21.70 -9.51 16.20
N ALA C 18 20.47 -9.16 15.78
CA ALA C 18 20.22 -7.76 15.45
C ALA C 18 20.50 -6.86 16.66
N SER C 19 19.86 -7.20 17.78
CA SER C 19 19.98 -6.34 18.96
C SER C 19 21.40 -6.31 19.49
N VAL C 20 21.97 -7.51 19.61
CA VAL C 20 23.33 -7.59 20.15
C VAL C 20 24.32 -6.77 19.32
N SER C 21 24.09 -6.59 18.02
CA SER C 21 24.93 -5.77 17.15
C SER C 21 24.67 -4.28 17.34
N PHE C 22 23.40 -3.93 17.55
CA PHE C 22 23.02 -2.58 17.85
C PHE C 22 23.76 -2.08 19.11
N VAL C 23 23.67 -2.87 20.18
CA VAL C 23 24.18 -2.26 21.42
C VAL C 23 25.69 -2.35 21.48
N ALA C 24 26.20 -3.47 20.96
CA ALA C 24 27.63 -3.66 20.81
C ALA C 24 28.20 -2.52 19.97
N GLU C 25 27.41 -1.96 19.06
CA GLU C 25 27.87 -0.85 18.23
C GLU C 25 27.55 0.53 18.85
N LEU C 26 26.44 0.62 19.55
CA LEU C 26 26.15 1.85 20.31
C LEU C 26 27.34 2.17 21.22
N ARG C 27 27.76 1.14 21.97
CA ARG C 27 28.90 1.30 22.86
C ARG C 27 30.12 1.75 22.07
N GLN C 28 30.55 0.95 21.10
CA GLN C 28 31.69 1.29 20.25
C GLN C 28 31.54 2.72 19.71
N ALA C 29 30.36 3.04 19.21
CA ALA C 29 30.15 4.33 18.58
C ALA C 29 30.39 5.48 19.56
N GLY C 30 30.33 5.20 20.85
CA GLY C 30 30.51 6.25 21.84
C GLY C 30 29.61 6.09 23.06
N TYR C 31 28.31 6.04 22.83
CA TYR C 31 27.19 6.07 23.74
C TYR C 31 27.57 5.48 25.10
N GLN C 32 27.44 6.33 26.12
CA GLN C 32 27.79 5.87 27.47
C GLN C 32 26.57 5.73 28.35
N GLY C 33 25.41 5.86 27.72
CA GLY C 33 24.12 5.80 28.37
C GLY C 33 23.61 4.47 28.79
N LEU C 34 22.52 4.47 29.57
CA LEU C 34 21.92 3.22 29.99
C LEU C 34 21.34 2.52 28.74
N ILE C 35 21.28 1.22 28.84
CA ILE C 35 20.88 0.26 27.82
C ILE C 35 20.36 -0.99 28.52
N THR C 36 19.09 -1.36 28.28
CA THR C 36 18.59 -2.63 28.80
C THR C 36 18.02 -3.45 27.63
N VAL C 37 18.50 -4.68 27.50
CA VAL C 37 18.00 -5.60 26.47
C VAL C 37 17.10 -6.64 27.12
N VAL C 38 16.04 -6.98 26.38
CA VAL C 38 14.97 -7.84 26.87
C VAL C 38 14.77 -9.01 25.89
N GLY C 39 15.07 -10.20 26.36
CA GLY C 39 15.00 -11.46 25.65
C GLY C 39 14.06 -12.48 26.24
N ASP C 40 12.99 -12.81 25.52
CA ASP C 40 12.05 -13.82 25.99
C ASP C 40 12.74 -15.15 26.22
N GLU C 41 13.79 -15.53 25.48
CA GLU C 41 14.28 -16.86 25.91
C GLU C 41 15.41 -16.74 26.94
N ALA C 42 15.45 -17.73 27.81
CA ALA C 42 16.32 -17.80 28.96
C ALA C 42 17.80 -17.67 28.64
N GLU C 43 18.12 -17.92 27.37
CA GLU C 43 19.47 -18.05 26.87
C GLU C 43 20.22 -16.74 26.66
N ARG C 44 21.52 -16.83 26.96
CA ARG C 44 22.50 -15.84 26.58
C ARG C 44 22.49 -15.76 25.05
N PRO C 45 22.75 -14.62 24.46
CA PRO C 45 22.51 -14.48 23.02
C PRO C 45 23.32 -15.51 22.23
N TYR C 46 22.65 -16.15 21.28
CA TYR C 46 23.39 -17.15 20.51
C TYR C 46 23.16 -17.01 19.01
N ASP C 47 23.86 -17.89 18.27
CA ASP C 47 23.78 -17.79 16.82
C ASP C 47 23.05 -18.99 16.22
N ARG C 48 22.24 -18.64 15.25
CA ARG C 48 21.27 -19.54 14.65
C ARG C 48 21.82 -20.35 13.46
N PRO C 49 22.56 -19.76 12.54
CA PRO C 49 23.14 -20.57 11.45
C PRO C 49 23.80 -21.86 11.93
N PRO C 50 24.75 -21.95 12.85
CA PRO C 50 25.18 -23.29 13.25
C PRO C 50 24.15 -24.06 14.09
N LEU C 51 22.86 -23.98 13.82
CA LEU C 51 21.87 -24.80 14.50
C LEU C 51 21.44 -25.90 13.53
N SER C 52 21.30 -25.53 12.26
CA SER C 52 21.06 -26.48 11.19
C SER C 52 22.38 -27.00 10.63
N LYS C 53 23.48 -26.48 11.16
CA LYS C 53 24.83 -26.82 10.74
C LYS C 53 25.58 -27.66 11.76
N ASP C 54 26.70 -27.14 12.26
CA ASP C 54 27.60 -27.90 13.10
C ASP C 54 27.07 -28.29 14.48
N PHE C 55 26.14 -27.53 15.07
CA PHE C 55 25.60 -27.88 16.39
C PHE C 55 25.08 -29.30 16.34
N MET C 56 24.41 -29.58 15.22
CA MET C 56 23.91 -30.92 14.93
C MET C 56 25.06 -31.90 14.71
N ALA C 57 26.26 -31.37 14.51
CA ALA C 57 27.49 -32.12 14.36
C ALA C 57 28.15 -32.36 15.72
N HIS C 58 28.08 -31.34 16.59
CA HIS C 58 28.59 -31.56 17.94
C HIS C 58 27.47 -31.30 18.94
N GLY C 59 27.02 -30.06 19.10
CA GLY C 59 25.89 -29.78 19.97
C GLY C 59 26.21 -29.11 21.29
N ASP C 60 27.24 -28.27 21.32
CA ASP C 60 27.67 -27.55 22.50
C ASP C 60 27.28 -26.07 22.43
N ALA C 61 26.29 -25.68 23.22
CA ALA C 61 25.80 -24.30 23.16
C ALA C 61 26.93 -23.28 23.35
N GLU C 62 27.90 -23.60 24.20
CA GLU C 62 29.14 -22.85 24.35
C GLU C 62 29.67 -22.42 22.98
N LYS C 63 29.66 -23.40 22.09
CA LYS C 63 30.15 -23.31 20.73
C LYS C 63 29.37 -22.32 19.88
N ILE C 64 28.16 -21.93 20.27
CA ILE C 64 27.38 -21.14 19.30
C ILE C 64 26.84 -19.91 20.00
N ARG C 65 27.80 -19.14 20.50
CA ARG C 65 27.67 -18.05 21.44
C ARG C 65 28.09 -16.71 20.88
N LEU C 66 27.39 -15.64 21.22
CA LEU C 66 27.68 -14.33 20.64
C LEU C 66 28.53 -13.48 21.59
N ASP C 67 29.51 -12.73 21.10
CA ASP C 67 30.32 -11.86 21.94
C ASP C 67 29.54 -10.62 22.38
N CYS C 68 29.35 -10.51 23.69
CA CYS C 68 28.65 -9.38 24.29
C CYS C 68 29.64 -8.46 25.01
N LYS C 69 30.92 -8.77 24.90
CA LYS C 69 31.99 -8.04 25.57
C LYS C 69 32.36 -6.76 24.82
N ARG C 70 31.85 -6.60 23.61
CA ARG C 70 32.00 -5.41 22.80
C ARG C 70 30.89 -4.42 23.13
N ALA C 71 30.06 -4.87 24.07
CA ALA C 71 28.84 -4.21 24.51
C ALA C 71 28.70 -4.22 26.02
N PRO C 72 29.67 -3.60 26.68
CA PRO C 72 29.81 -3.70 28.14
C PRO C 72 28.71 -2.92 28.84
N GLU C 73 28.34 -3.33 30.06
CA GLU C 73 27.42 -2.51 30.84
C GLU C 73 26.01 -2.54 30.27
N VAL C 74 25.55 -3.76 29.98
CA VAL C 74 24.18 -3.85 29.51
C VAL C 74 23.40 -4.77 30.44
N GLU C 75 22.26 -4.27 30.90
CA GLU C 75 21.33 -5.06 31.71
C GLU C 75 20.57 -6.01 30.80
N TRP C 76 21.12 -7.20 30.65
CA TRP C 76 20.42 -8.18 29.80
C TRP C 76 19.32 -8.82 30.60
N LEU C 77 18.08 -8.46 30.26
CA LEU C 77 17.04 -9.22 30.95
C LEU C 77 16.77 -10.46 30.09
N LEU C 78 17.22 -11.60 30.56
CA LEU C 78 17.16 -12.87 29.86
C LEU C 78 16.14 -13.80 30.51
N GLY C 79 15.18 -14.26 29.73
CA GLY C 79 14.13 -15.10 30.27
C GLY C 79 12.86 -14.30 30.50
N VAL C 80 12.77 -13.09 29.94
CA VAL C 80 11.55 -12.32 30.10
C VAL C 80 10.94 -11.83 28.80
N THR C 81 9.62 -11.66 28.78
CA THR C 81 8.94 -11.25 27.56
C THR C 81 8.25 -9.91 27.65
N ALA C 82 8.45 -9.06 26.64
CA ALA C 82 7.83 -7.75 26.54
C ALA C 82 6.37 -7.92 26.07
N GLN C 83 5.44 -7.33 26.80
CA GLN C 83 4.02 -7.56 26.51
C GLN C 83 3.36 -6.39 25.81
N SER C 84 4.05 -5.26 25.79
CA SER C 84 3.55 -4.04 25.20
C SER C 84 4.48 -2.87 25.62
N PHE C 85 4.26 -1.80 24.90
CA PHE C 85 4.87 -0.51 25.09
C PHE C 85 3.80 0.55 24.85
N ASP C 86 3.82 1.58 25.67
CA ASP C 86 2.94 2.73 25.47
C ASP C 86 3.83 3.89 25.03
N PRO C 87 3.74 4.27 23.76
CA PRO C 87 4.66 5.23 23.18
C PRO C 87 4.42 6.64 23.75
N GLN C 88 3.16 6.87 24.10
CA GLN C 88 2.73 8.10 24.72
C GLN C 88 3.34 8.21 26.12
N ALA C 89 3.40 7.10 26.83
CA ALA C 89 3.91 6.99 28.18
C ALA C 89 5.43 6.81 28.23
N HIS C 90 5.98 6.34 27.11
CA HIS C 90 7.40 6.03 27.06
C HIS C 90 7.74 4.94 28.08
N THR C 91 6.98 3.85 28.04
CA THR C 91 7.18 2.70 28.89
C THR C 91 6.94 1.39 28.14
N VAL C 92 7.55 0.32 28.58
CA VAL C 92 7.42 -1.06 28.15
C VAL C 92 6.91 -1.88 29.33
N ALA C 93 5.97 -2.78 29.08
CA ALA C 93 5.38 -3.67 30.06
C ALA C 93 5.96 -5.07 29.89
N LEU C 94 6.76 -5.55 30.83
CA LEU C 94 7.26 -6.92 30.77
C LEU C 94 6.52 -7.83 31.77
N SER C 95 6.49 -9.11 31.45
CA SER C 95 5.88 -10.24 32.09
C SER C 95 6.39 -10.50 33.49
N ASP C 96 7.57 -9.94 33.83
CA ASP C 96 8.03 -10.09 35.21
C ASP C 96 7.40 -9.02 36.10
N GLY C 97 6.41 -8.32 35.56
CA GLY C 97 5.78 -7.20 36.24
C GLY C 97 6.68 -5.98 36.27
N ARG C 98 7.91 -6.09 35.75
CA ARG C 98 8.78 -4.91 35.80
C ARG C 98 8.41 -3.96 34.68
N THR C 99 8.40 -2.66 34.99
CA THR C 99 8.12 -1.69 33.95
C THR C 99 9.41 -1.15 33.38
N LEU C 100 9.37 -0.70 32.11
CA LEU C 100 10.60 -0.08 31.61
C LEU C 100 10.35 1.25 30.94
N PRO C 101 10.81 2.32 31.58
CA PRO C 101 10.80 3.64 30.95
C PRO C 101 11.87 3.70 29.87
N TYR C 102 11.55 4.26 28.70
CA TYR C 102 12.57 4.38 27.66
C TYR C 102 12.68 5.80 27.13
N GLY C 103 13.86 6.17 26.67
CA GLY C 103 14.05 7.37 25.84
C GLY C 103 14.07 6.93 24.38
N THR C 104 14.76 5.85 24.07
CA THR C 104 14.82 5.30 22.71
C THR C 104 14.43 3.82 22.71
N LEU C 105 13.56 3.44 21.78
CA LEU C 105 13.09 2.05 21.86
C LEU C 105 13.34 1.29 20.55
N VAL C 106 13.98 0.14 20.70
CA VAL C 106 14.40 -0.67 19.55
C VAL C 106 13.68 -2.01 19.54
N LEU C 107 12.94 -2.25 18.45
CA LEU C 107 12.22 -3.50 18.21
C LEU C 107 13.08 -4.40 17.35
N ALA C 108 13.61 -5.46 17.96
CA ALA C 108 14.51 -6.40 17.30
C ALA C 108 14.06 -7.82 17.62
N THR C 109 12.80 -8.04 17.27
CA THR C 109 12.23 -9.32 17.72
C THR C 109 12.33 -10.44 16.70
N GLY C 110 12.64 -10.18 15.45
CA GLY C 110 12.88 -11.12 14.36
C GLY C 110 11.61 -11.79 13.90
N ALA C 111 11.62 -13.12 13.71
CA ALA C 111 10.38 -13.74 13.27
C ALA C 111 10.29 -15.20 13.69
N ALA C 112 9.16 -15.81 13.32
CA ALA C 112 8.88 -17.17 13.75
C ALA C 112 8.60 -18.10 12.56
N PRO C 113 9.07 -19.33 12.77
CA PRO C 113 8.81 -20.51 11.94
C PRO C 113 7.34 -20.73 11.61
N ARG C 114 6.96 -20.61 10.33
CA ARG C 114 5.57 -20.85 9.95
C ARG C 114 5.12 -22.23 10.38
N ALA C 115 3.89 -22.40 10.87
CA ALA C 115 3.47 -23.76 11.20
C ALA C 115 2.64 -24.39 10.08
N LEU C 116 2.38 -25.68 10.22
CA LEU C 116 1.64 -26.52 9.31
C LEU C 116 0.61 -27.37 10.06
N PRO C 117 -0.65 -26.93 9.92
CA PRO C 117 -1.79 -27.60 10.54
C PRO C 117 -1.72 -29.12 10.49
N THR C 118 -1.35 -29.65 9.34
CA THR C 118 -1.32 -31.07 9.05
C THR C 118 -0.55 -31.90 10.07
N LEU C 119 0.39 -31.31 10.81
CA LEU C 119 1.13 -32.16 11.75
C LEU C 119 0.84 -31.79 13.21
N GLN C 120 -0.29 -31.14 13.39
CA GLN C 120 -0.83 -30.65 14.66
C GLN C 120 -1.31 -31.78 15.56
N GLY C 121 -0.44 -32.19 16.48
CA GLY C 121 -0.74 -33.33 17.35
C GLY C 121 -1.09 -34.54 16.50
N ALA C 122 -0.08 -35.01 15.76
CA ALA C 122 -0.17 -36.07 14.78
C ALA C 122 0.88 -37.16 14.99
N THR C 123 0.55 -38.15 15.80
CA THR C 123 1.43 -39.28 16.07
C THR C 123 2.83 -38.80 16.43
N MET C 124 3.80 -39.09 15.58
CA MET C 124 5.21 -38.80 15.73
C MET C 124 5.54 -37.34 16.03
N PRO C 125 6.75 -37.11 16.55
CA PRO C 125 7.27 -35.76 16.75
C PRO C 125 7.18 -34.88 15.51
N VAL C 126 6.97 -33.58 15.74
CA VAL C 126 6.93 -32.61 14.66
C VAL C 126 7.66 -31.34 15.09
N HIS C 127 8.59 -30.85 14.26
CA HIS C 127 9.41 -29.74 14.67
C HIS C 127 9.66 -28.68 13.59
N THR C 128 10.09 -27.52 14.08
CA THR C 128 10.60 -26.39 13.35
C THR C 128 12.01 -26.09 13.86
N LEU C 129 12.89 -25.57 13.02
CA LEU C 129 14.22 -25.25 13.53
C LEU C 129 14.43 -23.73 13.42
N ARG C 130 14.67 -23.17 14.59
CA ARG C 130 14.89 -21.76 14.83
C ARG C 130 15.59 -21.56 16.17
N THR C 131 14.98 -22.17 17.21
CA THR C 131 15.56 -21.85 18.54
C THR C 131 16.43 -22.98 19.05
N LEU C 132 17.23 -22.71 20.07
CA LEU C 132 18.12 -23.71 20.65
C LEU C 132 17.36 -24.95 21.14
N GLU C 133 16.21 -24.80 21.77
CA GLU C 133 15.39 -25.90 22.25
C GLU C 133 14.78 -26.67 21.07
N ASP C 134 14.53 -25.86 20.08
CA ASP C 134 14.14 -26.06 18.71
C ASP C 134 15.33 -26.60 17.91
N ALA C 135 16.30 -27.23 18.55
CA ALA C 135 17.45 -27.77 17.83
C ALA C 135 17.96 -29.02 18.52
N ARG C 136 17.71 -29.07 19.84
CA ARG C 136 18.17 -30.27 20.54
C ARG C 136 17.13 -31.36 20.44
N ARG C 137 15.85 -31.00 20.29
CA ARG C 137 14.87 -32.10 20.18
C ARG C 137 15.10 -32.82 18.85
N ILE C 138 15.47 -32.03 17.86
CA ILE C 138 15.91 -32.57 16.57
C ILE C 138 17.17 -33.40 16.76
N GLN C 139 18.16 -32.79 17.41
CA GLN C 139 19.46 -33.44 17.53
C GLN C 139 19.34 -34.76 18.27
N ALA C 140 18.30 -34.88 19.09
CA ALA C 140 18.03 -36.13 19.79
C ALA C 140 17.14 -37.06 18.97
N GLY C 141 16.78 -36.65 17.76
CA GLY C 141 15.94 -37.47 16.92
C GLY C 141 16.67 -38.00 15.68
N LEU C 142 17.77 -37.34 15.35
CA LEU C 142 18.59 -37.68 14.20
C LEU C 142 19.51 -38.87 14.45
N ARG C 143 18.93 -39.93 15.01
CA ARG C 143 19.65 -41.18 15.24
C ARG C 143 20.22 -41.76 13.95
N PRO C 144 21.52 -41.92 13.95
CA PRO C 144 22.33 -42.54 12.89
C PRO C 144 21.59 -43.54 12.02
N GLN C 145 20.75 -44.39 12.61
CA GLN C 145 20.05 -45.40 11.82
C GLN C 145 18.78 -44.88 11.16
N SER C 146 18.27 -43.76 11.65
CA SER C 146 16.92 -43.30 11.39
C SER C 146 16.62 -42.88 9.94
N ARG C 147 15.31 -42.76 9.71
CA ARG C 147 14.80 -42.25 8.45
C ARG C 147 14.83 -40.72 8.56
N LEU C 148 13.66 -40.12 8.56
CA LEU C 148 13.32 -38.72 8.71
C LEU C 148 12.77 -38.15 7.41
N LEU C 149 11.97 -37.11 7.58
CA LEU C 149 11.41 -36.36 6.47
C LEU C 149 11.54 -34.86 6.71
N ILE C 150 11.46 -34.11 5.62
CA ILE C 150 11.64 -32.67 5.66
C ILE C 150 10.68 -31.97 4.69
N VAL C 151 9.86 -31.08 5.27
CA VAL C 151 9.04 -30.17 4.50
C VAL C 151 9.93 -29.10 3.87
N GLY C 152 9.48 -28.46 2.81
CA GLY C 152 10.16 -27.35 2.20
C GLY C 152 11.65 -27.51 1.98
N GLY C 153 12.05 -27.21 0.74
CA GLY C 153 13.46 -27.20 0.39
C GLY C 153 14.04 -25.81 0.63
N GLY C 154 13.70 -25.23 1.78
CA GLY C 154 14.26 -23.93 2.13
C GLY C 154 15.62 -24.09 2.78
N VAL C 155 16.35 -23.01 2.91
CA VAL C 155 17.69 -22.94 3.47
C VAL C 155 17.85 -23.83 4.70
N ILE C 156 16.80 -23.93 5.53
CA ILE C 156 17.10 -24.79 6.70
C ILE C 156 16.67 -26.23 6.40
N GLY C 157 15.69 -26.38 5.51
CA GLY C 157 15.26 -27.72 5.12
C GLY C 157 16.40 -28.43 4.40
N LEU C 158 17.00 -27.72 3.45
CA LEU C 158 18.08 -28.31 2.65
C LEU C 158 19.39 -28.30 3.41
N GLU C 159 19.49 -27.46 4.45
CA GLU C 159 20.78 -27.56 5.16
C GLU C 159 20.70 -28.77 6.08
N LEU C 160 19.52 -28.92 6.68
CA LEU C 160 19.30 -30.08 7.53
C LEU C 160 19.26 -31.37 6.72
N ALA C 161 18.81 -31.33 5.48
CA ALA C 161 18.81 -32.55 4.66
C ALA C 161 20.22 -33.08 4.48
N ALA C 162 21.14 -32.17 4.19
CA ALA C 162 22.54 -32.54 4.03
C ALA C 162 23.30 -32.74 5.32
N THR C 163 22.88 -32.21 6.48
CA THR C 163 23.66 -32.59 7.67
C THR C 163 23.17 -33.96 8.14
N ALA C 164 21.90 -34.20 7.83
CA ALA C 164 21.30 -35.51 8.01
C ALA C 164 22.18 -36.61 7.39
N ARG C 165 22.05 -36.79 6.09
CA ARG C 165 22.72 -37.75 5.24
C ARG C 165 24.09 -38.14 5.77
N THR C 166 24.93 -37.13 6.00
CA THR C 166 26.28 -37.40 6.51
C THR C 166 26.28 -38.23 7.78
N ALA C 167 25.20 -38.21 8.55
CA ALA C 167 25.11 -39.09 9.72
C ALA C 167 24.65 -40.49 9.32
N GLY C 168 24.05 -40.61 8.13
CA GLY C 168 23.54 -41.89 7.69
C GLY C 168 22.09 -42.06 8.12
N VAL C 169 21.35 -40.98 7.99
CA VAL C 169 19.98 -40.72 8.38
C VAL C 169 19.13 -40.36 7.16
N HIS C 170 18.15 -41.20 6.85
CA HIS C 170 17.38 -41.19 5.61
C HIS C 170 16.37 -40.07 5.45
N VAL C 171 16.78 -38.98 4.83
CA VAL C 171 15.91 -37.83 4.60
C VAL C 171 14.67 -38.19 3.80
N SER C 172 14.01 -37.18 3.24
CA SER C 172 12.86 -37.29 2.36
C SER C 172 12.17 -35.93 2.22
N LEU C 173 12.46 -35.19 1.16
CA LEU C 173 12.01 -33.80 1.07
C LEU C 173 10.93 -33.56 0.03
N VAL C 174 9.76 -33.19 0.54
CA VAL C 174 8.64 -32.79 -0.31
C VAL C 174 8.41 -31.28 -0.24
N GLU C 175 8.42 -30.62 -1.40
CA GLU C 175 8.19 -29.17 -1.50
C GLU C 175 7.01 -28.89 -2.42
N THR C 176 6.35 -27.76 -2.18
CA THR C 176 5.13 -27.34 -2.83
C THR C 176 5.34 -26.56 -4.13
N GLN C 177 6.58 -26.43 -4.57
CA GLN C 177 6.96 -25.67 -5.77
C GLN C 177 7.79 -26.54 -6.69
N PRO C 178 8.08 -26.14 -7.93
CA PRO C 178 8.80 -27.08 -8.80
C PRO C 178 10.25 -27.29 -8.39
N ARG C 179 11.04 -26.22 -8.24
CA ARG C 179 12.45 -26.38 -7.91
C ARG C 179 12.71 -26.34 -6.41
N LEU C 180 13.94 -25.97 -6.07
CA LEU C 180 14.27 -25.64 -4.69
C LEU C 180 14.47 -24.12 -4.57
N MET C 181 14.63 -23.66 -3.33
CA MET C 181 15.13 -22.32 -3.05
C MET C 181 14.56 -21.21 -3.92
N SER C 182 13.26 -21.06 -4.04
CA SER C 182 12.55 -20.18 -4.94
C SER C 182 12.47 -18.75 -4.41
N ARG C 183 12.52 -18.62 -3.09
CA ARG C 183 12.32 -17.32 -2.46
C ARG C 183 13.42 -16.36 -2.90
N ALA C 184 14.57 -16.89 -3.32
CA ALA C 184 15.69 -15.99 -3.56
C ALA C 184 16.75 -16.52 -4.50
N ALA C 185 17.05 -17.81 -4.48
CA ALA C 185 18.06 -18.35 -5.38
C ALA C 185 17.68 -18.24 -6.85
N PRO C 186 18.69 -18.32 -7.71
CA PRO C 186 18.47 -18.38 -9.17
C PRO C 186 17.99 -19.77 -9.57
N ALA C 187 17.27 -19.86 -10.69
CA ALA C 187 16.70 -21.13 -11.15
C ALA C 187 17.81 -22.10 -11.54
N THR C 188 18.91 -21.55 -12.06
CA THR C 188 20.17 -22.21 -12.34
C THR C 188 20.76 -22.87 -11.10
N LEU C 189 20.78 -22.09 -10.02
CA LEU C 189 21.32 -22.60 -8.77
C LEU C 189 20.45 -23.75 -8.26
N ALA C 190 19.15 -23.51 -8.19
CA ALA C 190 18.19 -24.47 -7.68
C ALA C 190 18.16 -25.77 -8.46
N ASP C 191 18.51 -25.78 -9.75
CA ASP C 191 18.50 -27.10 -10.41
C ASP C 191 19.70 -27.91 -9.94
N PHE C 192 20.88 -27.28 -9.90
CA PHE C 192 22.10 -27.99 -9.52
C PHE C 192 22.06 -28.49 -8.09
N VAL C 193 21.21 -27.85 -7.28
CA VAL C 193 21.17 -28.27 -5.89
C VAL C 193 20.23 -29.47 -5.77
N ALA C 194 19.19 -29.50 -6.60
CA ALA C 194 18.33 -30.69 -6.50
C ALA C 194 19.06 -31.89 -7.09
N ARG C 195 19.79 -31.67 -8.19
CA ARG C 195 20.50 -32.85 -8.70
C ARG C 195 21.56 -33.27 -7.69
N TYR C 196 22.30 -32.29 -7.15
CA TYR C 196 23.32 -32.64 -6.14
C TYR C 196 22.70 -33.39 -4.99
N HIS C 197 21.65 -32.88 -4.34
CA HIS C 197 21.12 -33.63 -3.19
C HIS C 197 20.59 -34.98 -3.65
N ALA C 198 19.85 -34.95 -4.75
CA ALA C 198 19.34 -36.14 -5.43
C ALA C 198 20.45 -37.18 -5.51
N ALA C 199 21.62 -36.73 -5.96
CA ALA C 199 22.78 -37.60 -6.09
C ALA C 199 23.32 -38.06 -4.75
N GLN C 200 22.78 -37.53 -3.66
CA GLN C 200 23.20 -37.84 -2.30
C GLN C 200 22.17 -38.65 -1.52
N GLY C 201 21.10 -39.11 -2.16
CA GLY C 201 20.12 -39.93 -1.49
C GLY C 201 18.71 -39.36 -1.59
N VAL C 202 18.58 -38.15 -1.06
CA VAL C 202 17.44 -37.33 -0.80
C VAL C 202 16.35 -37.38 -1.87
N ASP C 203 15.39 -38.27 -1.66
CA ASP C 203 14.27 -38.42 -2.59
C ASP C 203 13.43 -37.16 -2.64
N LEU C 204 13.94 -36.20 -3.43
CA LEU C 204 13.31 -34.90 -3.52
C LEU C 204 11.99 -34.90 -4.29
N ARG C 205 10.91 -34.58 -3.59
CA ARG C 205 9.58 -34.46 -4.19
C ARG C 205 9.20 -33.00 -4.40
N PHE C 206 8.26 -32.72 -5.30
CA PHE C 206 7.92 -31.37 -5.73
C PHE C 206 6.42 -31.23 -6.03
N GLU C 207 5.91 -30.02 -5.82
CA GLU C 207 4.50 -29.70 -5.92
C GLU C 207 3.65 -30.79 -5.30
N ARG C 208 4.04 -31.17 -4.09
CA ARG C 208 3.42 -32.30 -3.40
C ARG C 208 3.24 -32.09 -1.90
N SER C 209 2.23 -31.33 -1.51
CA SER C 209 1.85 -31.28 -0.10
C SER C 209 0.95 -32.48 0.18
N VAL C 210 0.62 -32.88 1.36
CA VAL C 210 0.68 -32.75 2.78
C VAL C 210 -0.70 -33.00 3.39
N THR C 211 -0.94 -34.25 3.79
CA THR C 211 -2.18 -34.63 4.46
C THR C 211 -2.07 -36.01 5.10
N GLY C 212 -2.11 -36.04 6.43
CA GLY C 212 -2.15 -37.21 7.26
C GLY C 212 -0.84 -37.86 7.63
N SER C 213 -0.43 -37.77 8.89
CA SER C 213 0.76 -38.41 9.43
C SER C 213 0.38 -39.46 10.47
N VAL C 214 0.89 -40.70 10.35
CA VAL C 214 0.38 -41.73 11.24
C VAL C 214 1.48 -42.50 11.96
N ASP C 215 2.49 -41.80 12.45
CA ASP C 215 3.58 -42.38 13.22
C ASP C 215 4.53 -43.17 12.29
N GLY C 216 4.26 -43.05 11.00
CA GLY C 216 4.98 -43.58 9.89
C GLY C 216 4.51 -42.94 8.58
N VAL C 217 3.21 -43.06 8.33
CA VAL C 217 2.53 -42.47 7.19
C VAL C 217 2.49 -40.95 7.30
N VAL C 218 3.60 -40.29 6.98
CA VAL C 218 3.49 -38.83 7.15
C VAL C 218 2.53 -38.27 6.11
N LEU C 219 2.15 -37.01 6.30
CA LEU C 219 1.15 -36.36 5.47
C LEU C 219 1.52 -36.29 4.00
N LEU C 220 0.53 -36.40 3.11
CA LEU C 220 0.80 -36.27 1.68
C LEU C 220 -0.43 -36.50 0.80
N ASP C 221 -0.49 -35.75 -0.29
CA ASP C 221 -1.58 -35.75 -1.26
C ASP C 221 -1.44 -36.88 -2.27
N ASP C 222 -0.46 -37.75 -2.08
CA ASP C 222 -0.23 -38.86 -2.99
C ASP C 222 -0.01 -40.18 -2.25
N GLY C 223 -0.72 -40.35 -1.14
CA GLY C 223 -0.68 -41.52 -0.29
C GLY C 223 0.71 -42.12 -0.16
N THR C 224 1.58 -41.47 0.62
CA THR C 224 2.96 -41.97 0.66
C THR C 224 3.45 -42.27 2.06
N ARG C 225 3.97 -43.49 2.17
CA ARG C 225 4.68 -43.87 3.39
C ARG C 225 6.01 -43.12 3.40
N ILE C 226 5.94 -41.81 3.68
CA ILE C 226 7.17 -41.02 3.64
C ILE C 226 8.13 -41.57 4.69
N ALA C 227 7.53 -42.09 5.77
CA ALA C 227 8.23 -42.88 6.75
C ALA C 227 9.18 -42.05 7.59
N ALA C 228 8.79 -41.84 8.85
CA ALA C 228 9.65 -41.13 9.78
C ALA C 228 9.13 -41.22 11.21
N ASP C 229 10.07 -41.14 12.14
CA ASP C 229 9.69 -40.97 13.54
C ASP C 229 9.58 -39.47 13.80
N MET C 230 10.39 -38.72 13.08
CA MET C 230 10.49 -37.27 13.09
C MET C 230 10.01 -36.62 11.79
N VAL C 231 9.77 -35.32 11.92
CA VAL C 231 9.42 -34.37 10.89
C VAL C 231 9.96 -32.97 11.21
N VAL C 232 11.00 -32.48 10.55
CA VAL C 232 11.43 -31.10 10.72
C VAL C 232 10.79 -30.25 9.61
N VAL C 233 9.99 -29.26 9.98
CA VAL C 233 9.25 -28.40 9.05
C VAL C 233 9.91 -27.05 8.82
N GLY C 234 10.27 -26.74 7.58
CA GLY C 234 10.86 -25.48 7.18
C GLY C 234 10.07 -24.81 6.06
N ILE C 235 8.96 -24.19 6.42
CA ILE C 235 8.10 -23.59 5.40
C ILE C 235 8.14 -22.08 5.40
N GLY C 236 9.23 -21.47 5.89
CA GLY C 236 9.25 -20.01 5.79
C GLY C 236 8.91 -19.41 7.13
N VAL C 237 9.04 -18.10 7.28
CA VAL C 237 8.76 -17.48 8.57
C VAL C 237 8.03 -16.15 8.40
N LEU C 238 7.42 -15.72 9.50
CA LEU C 238 6.65 -14.49 9.59
C LEU C 238 7.15 -13.55 10.70
N ALA C 239 7.15 -12.27 10.41
CA ALA C 239 7.62 -11.19 11.29
C ALA C 239 7.04 -11.21 12.69
N ASN C 240 7.87 -11.24 13.76
CA ASN C 240 7.22 -11.00 15.06
C ASN C 240 6.94 -9.51 15.28
N ASP C 241 5.90 -8.97 14.68
CA ASP C 241 5.56 -7.55 14.71
C ASP C 241 4.28 -7.28 15.50
N ALA C 242 3.96 -8.17 16.42
CA ALA C 242 2.74 -7.99 17.20
C ALA C 242 2.72 -6.70 18.02
N LEU C 243 3.76 -6.49 18.82
CA LEU C 243 3.74 -5.37 19.76
C LEU C 243 3.78 -4.06 18.99
N ALA C 244 4.59 -3.98 17.93
CA ALA C 244 4.51 -2.74 17.15
C ALA C 244 3.11 -2.61 16.57
N ARG C 245 2.53 -3.75 16.20
CA ARG C 245 1.16 -3.72 15.69
C ARG C 245 0.18 -3.23 16.75
N ALA C 246 0.16 -3.77 17.96
CA ALA C 246 -0.80 -3.25 18.94
C ALA C 246 -0.54 -1.78 19.26
N ALA C 247 0.70 -1.40 19.06
CA ALA C 247 1.18 -0.04 19.12
C ALA C 247 0.67 0.84 18.01
N GLY C 248 0.28 0.33 16.84
CA GLY C 248 -0.22 1.28 15.86
C GLY C 248 0.80 1.72 14.83
N LEU C 249 2.01 1.22 14.91
CA LEU C 249 3.04 1.49 13.90
C LEU C 249 2.60 0.92 12.54
N ALA C 250 3.18 1.35 11.43
CA ALA C 250 2.82 0.79 10.12
C ALA C 250 3.52 -0.55 9.91
N CYS C 251 2.74 -1.62 9.80
CA CYS C 251 3.24 -2.97 9.61
C CYS C 251 2.54 -3.65 8.41
N ASP C 252 3.12 -4.72 7.93
CA ASP C 252 2.58 -5.68 6.96
C ASP C 252 3.57 -6.82 6.75
N ASP C 253 3.53 -7.77 7.66
CA ASP C 253 4.40 -8.90 7.87
C ASP C 253 5.83 -8.34 7.94
N GLY C 254 5.90 -7.36 8.83
CA GLY C 254 7.12 -6.68 9.21
C GLY C 254 6.83 -5.21 9.47
N ILE C 255 7.66 -4.61 10.30
CA ILE C 255 7.61 -3.18 10.56
C ILE C 255 8.31 -2.30 9.53
N PHE C 256 7.56 -1.44 8.84
CA PHE C 256 8.18 -0.55 7.87
C PHE C 256 9.14 0.46 8.51
N VAL C 257 10.40 0.46 8.09
CA VAL C 257 11.44 1.36 8.61
C VAL C 257 12.17 2.03 7.47
N ASP C 258 12.65 3.24 7.69
CA ASP C 258 13.45 3.89 6.67
C ASP C 258 14.86 3.42 6.86
N ALA C 259 15.79 4.14 6.21
CA ALA C 259 17.16 3.64 6.24
C ALA C 259 17.88 4.07 7.51
N TYR C 260 17.10 4.71 8.39
CA TYR C 260 17.67 5.18 9.66
C TYR C 260 17.19 4.30 10.78
N GLY C 261 16.24 3.39 10.43
CA GLY C 261 15.76 2.48 11.45
C GLY C 261 14.46 2.93 12.05
N ARG C 262 13.99 4.11 11.62
CA ARG C 262 12.76 4.56 12.27
C ARG C 262 11.50 3.90 11.69
N THR C 263 10.60 3.57 12.59
CA THR C 263 9.20 3.20 12.38
C THR C 263 8.38 4.45 12.20
N THR C 264 7.06 4.36 12.15
CA THR C 264 6.17 5.49 12.12
C THR C 264 5.82 5.96 13.54
N CYS C 265 6.37 5.35 14.57
CA CYS C 265 6.11 5.88 15.91
C CYS C 265 7.34 6.63 16.39
N PRO C 266 7.28 7.88 16.79
CA PRO C 266 8.56 8.55 17.14
C PRO C 266 9.23 7.86 18.32
N ASP C 267 10.54 7.87 18.30
CA ASP C 267 11.41 7.30 19.31
C ASP C 267 11.43 5.79 19.30
N VAL C 268 10.79 5.25 18.26
CA VAL C 268 10.81 3.76 18.19
C VAL C 268 11.50 3.28 16.91
N TYR C 269 12.47 2.39 17.09
CA TYR C 269 13.29 1.93 15.96
C TYR C 269 12.93 0.47 15.64
N ALA C 270 13.43 -0.08 14.53
CA ALA C 270 13.28 -1.55 14.39
C ALA C 270 14.43 -2.07 13.52
N LEU C 271 14.90 -3.28 13.73
CA LEU C 271 16.08 -3.90 13.22
C LEU C 271 15.90 -5.39 12.87
N GLY C 272 16.69 -5.90 11.94
CA GLY C 272 16.82 -7.32 11.63
C GLY C 272 15.63 -7.90 10.91
N ASP C 273 15.21 -9.11 11.27
CA ASP C 273 14.20 -9.85 10.53
C ASP C 273 12.79 -9.33 10.70
N VAL C 274 12.48 -8.58 11.75
CA VAL C 274 11.12 -8.08 11.99
C VAL C 274 10.78 -6.94 11.06
N THR C 275 11.80 -6.38 10.40
CA THR C 275 11.55 -5.19 9.59
C THR C 275 11.30 -5.47 8.10
N ARG C 276 10.63 -4.50 7.52
CA ARG C 276 10.34 -4.29 6.12
C ARG C 276 11.04 -3.02 5.65
N GLN C 277 12.02 -3.15 4.77
CA GLN C 277 12.81 -2.00 4.38
C GLN C 277 13.05 -2.05 2.88
N ARG C 278 13.49 -0.93 2.34
CA ARG C 278 13.75 -0.65 0.96
C ARG C 278 14.91 -1.48 0.43
N ASN C 279 14.58 -2.38 -0.52
CA ASN C 279 15.72 -3.04 -1.17
C ASN C 279 16.12 -2.24 -2.42
N PRO C 280 17.35 -1.70 -2.38
CA PRO C 280 17.81 -0.70 -3.34
C PRO C 280 17.97 -1.19 -4.78
N LEU C 281 17.96 -2.50 -5.02
CA LEU C 281 17.96 -3.12 -6.33
C LEU C 281 16.60 -2.99 -7.02
N SER C 282 15.49 -3.39 -6.40
CA SER C 282 14.19 -3.22 -7.04
C SER C 282 13.47 -1.97 -6.53
N GLY C 283 13.91 -1.49 -5.38
CA GLY C 283 13.34 -0.26 -4.83
C GLY C 283 12.03 -0.51 -4.12
N ARG C 284 11.81 -1.75 -3.72
CA ARG C 284 10.67 -2.25 -3.01
C ARG C 284 11.01 -2.49 -1.53
N PHE C 285 10.00 -2.38 -0.68
CA PHE C 285 10.07 -2.69 0.73
C PHE C 285 9.82 -4.16 1.02
N GLU C 286 10.88 -4.91 1.37
CA GLU C 286 10.64 -6.30 1.68
C GLU C 286 11.27 -6.66 3.02
N ARG C 287 10.93 -7.85 3.52
CA ARG C 287 11.74 -8.35 4.62
C ARG C 287 13.05 -8.89 4.04
N ILE C 288 14.13 -8.43 4.66
CA ILE C 288 15.49 -8.87 4.39
C ILE C 288 15.95 -9.74 5.56
N GLU C 289 15.55 -10.99 5.52
CA GLU C 289 15.71 -11.95 6.61
C GLU C 289 17.04 -12.69 6.53
N THR C 290 18.15 -11.98 6.67
CA THR C 290 19.47 -12.58 6.68
C THR C 290 20.29 -12.19 7.91
N TRP C 291 21.33 -13.02 8.09
CA TRP C 291 22.35 -12.84 9.11
C TRP C 291 23.11 -11.54 8.90
N SER C 292 23.36 -11.16 7.65
CA SER C 292 24.19 -10.01 7.35
C SER C 292 23.39 -8.72 7.51
N ASN C 293 22.12 -8.78 7.18
CA ASN C 293 21.27 -7.62 7.35
C ASN C 293 21.10 -7.32 8.84
N ALA C 294 20.76 -8.33 9.63
CA ALA C 294 20.61 -8.19 11.07
C ALA C 294 21.84 -7.50 11.66
N GLN C 295 22.99 -8.15 11.52
CA GLN C 295 24.26 -7.61 11.97
C GLN C 295 24.46 -6.21 11.41
N ASN C 296 24.45 -6.10 10.08
CA ASN C 296 24.78 -4.86 9.40
C ASN C 296 23.77 -3.75 9.63
N GLN C 297 22.48 -4.06 9.57
CA GLN C 297 21.49 -3.01 9.72
C GLN C 297 21.58 -2.41 11.13
N GLY C 298 21.68 -3.31 12.08
CA GLY C 298 21.73 -2.98 13.50
C GLY C 298 22.91 -2.10 13.89
N ILE C 299 24.07 -2.31 13.31
CA ILE C 299 25.25 -1.47 13.36
C ILE C 299 25.02 -0.13 12.69
N ALA C 300 24.36 -0.11 11.53
CA ALA C 300 24.26 1.18 10.84
C ALA C 300 23.20 2.08 11.48
N VAL C 301 22.29 1.47 12.23
CA VAL C 301 21.25 2.24 12.93
C VAL C 301 21.90 2.81 14.20
N ALA C 302 22.62 1.96 14.90
CA ALA C 302 23.36 2.45 16.08
C ALA C 302 24.28 3.62 15.73
N ARG C 303 25.07 3.56 14.68
CA ARG C 303 26.06 4.46 14.13
C ARG C 303 25.51 5.84 13.77
N HIS C 304 24.35 5.92 13.13
CA HIS C 304 23.73 7.21 12.82
C HIS C 304 23.00 7.77 14.04
N LEU C 305 22.52 6.90 14.92
CA LEU C 305 21.93 7.43 16.15
C LEU C 305 22.99 8.19 16.93
N VAL C 306 24.11 7.50 17.20
CA VAL C 306 25.20 8.17 17.90
C VAL C 306 25.68 9.41 17.14
N ASP C 307 26.33 9.25 16.00
CA ASP C 307 26.81 10.41 15.23
C ASP C 307 25.67 10.96 14.39
N PRO C 308 25.48 12.27 14.43
CA PRO C 308 24.35 12.89 13.74
C PRO C 308 24.48 12.89 12.22
N THR C 309 25.73 12.76 11.76
CA THR C 309 26.00 12.92 10.34
C THR C 309 25.96 11.61 9.55
N ALA C 310 26.36 10.53 10.19
CA ALA C 310 26.49 9.21 9.62
C ALA C 310 25.36 8.88 8.65
N PRO C 311 25.69 8.29 7.50
CA PRO C 311 24.69 7.98 6.48
C PRO C 311 23.83 6.79 6.87
N GLY C 312 22.67 6.64 6.22
CA GLY C 312 21.76 5.55 6.55
C GLY C 312 22.24 4.18 6.07
N TYR C 313 21.48 3.14 6.41
CA TYR C 313 21.89 1.77 6.08
C TYR C 313 21.75 1.61 4.57
N ALA C 314 22.68 0.90 3.94
CA ALA C 314 22.71 0.93 2.48
C ALA C 314 23.40 -0.29 1.92
N GLU C 315 23.32 -1.43 2.61
CA GLU C 315 23.95 -2.62 2.02
C GLU C 315 22.92 -3.32 1.15
N LEU C 316 23.41 -4.02 0.14
CA LEU C 316 22.51 -4.87 -0.64
C LEU C 316 22.48 -6.25 -0.02
N PRO C 317 21.37 -6.95 -0.17
CA PRO C 317 21.19 -8.25 0.49
C PRO C 317 22.30 -9.23 0.12
N TRP C 318 22.55 -10.20 0.99
CA TRP C 318 23.49 -11.27 0.64
C TRP C 318 23.40 -12.28 1.76
N TYR C 319 23.56 -13.56 1.44
CA TYR C 319 23.50 -14.57 2.49
C TYR C 319 24.45 -15.71 2.11
N TRP C 320 24.25 -16.84 2.76
CA TRP C 320 25.02 -18.06 2.57
C TRP C 320 24.23 -19.25 3.10
N SER C 321 24.61 -20.46 2.68
CA SER C 321 23.91 -21.68 3.09
C SER C 321 24.86 -22.86 3.02
N ASP C 322 25.01 -23.60 4.12
CA ASP C 322 25.91 -24.76 4.00
C ASP C 322 25.08 -26.02 3.84
N GLN C 323 25.18 -26.68 2.67
CA GLN C 323 24.37 -27.89 2.51
C GLN C 323 25.22 -29.09 2.11
N GLY C 324 25.73 -29.83 3.09
CA GLY C 324 26.57 -30.98 2.80
C GLY C 324 27.96 -30.59 2.38
N ALA C 325 28.29 -30.74 1.10
CA ALA C 325 29.63 -30.30 0.66
C ALA C 325 29.53 -28.92 0.06
N LEU C 326 28.31 -28.56 -0.34
CA LEU C 326 28.11 -27.28 -0.98
C LEU C 326 28.32 -26.15 0.03
N ARG C 327 28.90 -25.09 -0.50
CA ARG C 327 29.03 -23.80 0.15
C ARG C 327 28.54 -22.74 -0.82
N ILE C 328 27.26 -22.48 -0.76
CA ILE C 328 26.43 -21.60 -1.54
C ILE C 328 26.38 -20.17 -0.98
N GLN C 329 26.83 -19.21 -1.77
CA GLN C 329 26.82 -17.79 -1.47
C GLN C 329 26.03 -17.02 -2.52
N VAL C 330 24.99 -16.33 -2.06
CA VAL C 330 24.14 -15.56 -2.97
C VAL C 330 24.10 -14.08 -2.64
N ALA C 331 24.25 -13.30 -3.68
CA ALA C 331 24.26 -11.88 -3.85
C ALA C 331 23.12 -11.31 -4.69
N GLY C 332 22.33 -10.43 -4.12
CA GLY C 332 21.34 -9.61 -4.83
C GLY C 332 20.14 -10.33 -5.36
N LEU C 333 19.62 -9.95 -6.52
CA LEU C 333 18.45 -10.65 -7.05
C LEU C 333 18.92 -11.83 -7.92
N ALA C 334 18.17 -12.90 -7.82
CA ALA C 334 18.39 -14.17 -8.46
C ALA C 334 18.33 -14.06 -9.98
N SER C 335 17.61 -13.05 -10.48
CA SER C 335 17.53 -13.05 -11.95
C SER C 335 17.44 -11.66 -12.54
N GLY C 336 17.85 -11.55 -13.80
CA GLY C 336 17.68 -10.38 -14.65
C GLY C 336 17.30 -10.76 -16.07
N ASP C 337 17.89 -10.12 -17.07
CA ASP C 337 17.64 -10.45 -18.46
C ASP C 337 18.75 -11.32 -19.04
N GLU C 338 19.69 -11.72 -18.17
CA GLU C 338 20.80 -12.56 -18.60
C GLU C 338 21.68 -13.02 -17.45
N GLU C 339 22.40 -14.10 -17.75
CA GLU C 339 23.18 -14.84 -16.79
C GLU C 339 24.47 -15.38 -17.38
N ILE C 340 25.61 -15.14 -16.73
CA ILE C 340 26.81 -15.78 -17.30
C ILE C 340 27.33 -16.84 -16.33
N VAL C 341 27.63 -18.02 -16.85
CA VAL C 341 28.16 -19.05 -15.96
C VAL C 341 29.68 -19.22 -16.09
N ARG C 342 30.28 -19.48 -14.93
CA ARG C 342 31.72 -19.61 -14.80
C ARG C 342 32.15 -20.80 -13.93
N GLY C 343 33.30 -21.37 -14.26
CA GLY C 343 33.97 -22.41 -13.51
C GLY C 343 33.46 -23.80 -13.75
N GLU C 344 33.44 -24.66 -12.72
CA GLU C 344 32.80 -25.94 -13.00
C GLU C 344 31.53 -26.19 -12.18
N VAL C 345 30.51 -26.47 -13.00
CA VAL C 345 29.24 -26.97 -12.53
C VAL C 345 29.34 -28.49 -12.53
N SER C 346 29.79 -28.99 -11.39
CA SER C 346 30.14 -30.41 -11.27
C SER C 346 29.27 -31.04 -10.19
N LEU C 347 28.94 -32.30 -10.41
CA LEU C 347 28.04 -33.09 -9.59
C LEU C 347 28.67 -33.45 -8.26
N ASP C 348 29.91 -33.92 -8.34
CA ASP C 348 30.60 -34.46 -7.18
C ASP C 348 31.62 -33.49 -6.60
N ALA C 349 32.06 -32.50 -7.36
CA ALA C 349 33.10 -31.59 -6.87
C ALA C 349 32.91 -30.15 -7.34
N PRO C 350 31.78 -29.56 -6.95
CA PRO C 350 31.28 -28.30 -7.48
C PRO C 350 32.23 -27.12 -7.38
N LYS C 351 32.17 -26.22 -8.36
CA LYS C 351 32.88 -24.95 -8.20
C LYS C 351 32.59 -24.00 -9.34
N PHE C 352 31.52 -23.21 -9.18
CA PHE C 352 31.10 -22.34 -10.26
C PHE C 352 30.46 -21.05 -9.77
N THR C 353 30.31 -20.17 -10.74
CA THR C 353 29.85 -18.83 -10.50
C THR C 353 28.86 -18.38 -11.58
N LEU C 354 27.66 -18.07 -11.13
CA LEU C 354 26.60 -17.42 -11.84
C LEU C 354 26.44 -15.93 -11.55
N ILE C 355 26.54 -15.12 -12.60
CA ILE C 355 26.36 -13.68 -12.43
C ILE C 355 25.13 -13.23 -13.20
N GLU C 356 24.22 -12.55 -12.49
CA GLU C 356 23.07 -12.07 -13.24
C GLU C 356 23.21 -10.64 -13.68
N LEU C 357 22.76 -10.38 -14.90
CA LEU C 357 22.80 -9.04 -15.48
C LEU C 357 21.39 -8.53 -15.78
N GLN C 358 21.31 -7.22 -15.85
CA GLN C 358 20.09 -6.50 -16.17
C GLN C 358 20.46 -5.32 -17.06
N LYS C 359 20.21 -5.55 -18.34
CA LYS C 359 20.57 -4.56 -19.35
C LYS C 359 22.04 -4.20 -19.16
N GLY C 360 22.85 -5.24 -18.99
CA GLY C 360 24.29 -5.24 -18.82
C GLY C 360 24.84 -4.85 -17.48
N ARG C 361 24.05 -4.52 -16.46
CA ARG C 361 24.68 -4.21 -15.16
C ARG C 361 24.51 -5.37 -14.21
N ILE C 362 25.51 -5.74 -13.42
CA ILE C 362 25.40 -6.88 -12.52
C ILE C 362 24.41 -6.53 -11.42
N VAL C 363 23.47 -7.44 -11.13
CA VAL C 363 22.37 -7.13 -10.22
C VAL C 363 22.21 -8.29 -9.26
N GLY C 364 23.03 -9.29 -9.58
CA GLY C 364 23.00 -10.58 -8.89
C GLY C 364 24.26 -11.36 -9.28
N ALA C 365 24.64 -12.24 -8.40
CA ALA C 365 25.75 -13.15 -8.34
C ALA C 365 25.39 -14.35 -7.47
N THR C 366 26.25 -15.35 -7.56
CA THR C 366 26.12 -16.61 -6.86
C THR C 366 27.42 -17.37 -7.14
N CYS C 367 27.87 -18.04 -6.10
CA CYS C 367 29.12 -18.77 -6.09
C CYS C 367 28.88 -20.00 -5.22
N VAL C 368 29.37 -21.13 -5.69
CA VAL C 368 29.26 -22.38 -4.97
C VAL C 368 30.67 -22.95 -4.83
N ASN C 369 31.05 -23.25 -3.60
CA ASN C 369 32.41 -23.66 -3.26
C ASN C 369 33.46 -22.80 -3.96
N ASN C 370 33.20 -21.52 -4.18
CA ASN C 370 34.05 -20.57 -4.89
C ASN C 370 34.02 -19.19 -4.23
N ALA C 371 34.63 -19.02 -3.07
CA ALA C 371 34.52 -17.81 -2.26
C ALA C 371 35.41 -16.65 -2.62
N ARG C 372 36.54 -16.87 -3.31
CA ARG C 372 37.37 -15.74 -3.74
C ARG C 372 36.71 -14.92 -4.84
N ASP C 373 35.64 -15.45 -5.43
CA ASP C 373 35.04 -14.69 -6.54
C ASP C 373 33.84 -13.90 -6.04
N PHE C 374 33.23 -14.48 -5.01
CA PHE C 374 32.04 -13.84 -4.44
C PHE C 374 32.38 -12.41 -4.03
N ALA C 375 33.36 -12.25 -3.15
CA ALA C 375 33.80 -10.95 -2.65
C ALA C 375 33.91 -9.89 -3.73
N PRO C 376 34.65 -10.06 -4.82
CA PRO C 376 34.64 -9.00 -5.85
C PRO C 376 33.27 -8.76 -6.46
N LEU C 377 32.40 -9.75 -6.65
CA LEU C 377 31.15 -9.47 -7.35
C LEU C 377 30.21 -8.62 -6.49
N ARG C 378 30.14 -8.93 -5.20
CA ARG C 378 29.52 -8.01 -4.23
C ARG C 378 30.03 -6.59 -4.45
N ARG C 379 31.35 -6.49 -4.65
CA ARG C 379 31.92 -5.16 -4.95
C ARG C 379 31.42 -4.60 -6.26
N LEU C 380 31.35 -5.38 -7.34
CA LEU C 380 30.83 -4.75 -8.55
C LEU C 380 29.31 -4.59 -8.50
N LEU C 381 28.66 -5.46 -7.77
CA LEU C 381 27.21 -5.48 -7.56
C LEU C 381 26.67 -4.28 -6.80
N ALA C 382 27.57 -3.66 -6.04
CA ALA C 382 27.29 -2.49 -5.23
C ALA C 382 27.56 -1.20 -5.96
N VAL C 383 28.52 -1.18 -6.90
CA VAL C 383 28.64 0.08 -7.64
C VAL C 383 27.70 0.14 -8.83
N GLY C 384 26.97 -0.93 -9.21
CA GLY C 384 26.18 -0.67 -10.44
C GLY C 384 27.05 -0.94 -11.66
N ALA C 385 28.11 -1.74 -11.54
CA ALA C 385 28.96 -1.88 -12.72
C ALA C 385 28.28 -2.58 -13.90
N LYS C 386 28.61 -2.15 -15.09
CA LYS C 386 28.41 -2.73 -16.40
C LYS C 386 29.75 -3.17 -16.99
N PRO C 387 30.34 -4.25 -16.47
CA PRO C 387 31.62 -4.74 -16.99
C PRO C 387 31.40 -5.26 -18.42
N ASP C 388 32.43 -5.69 -19.12
CA ASP C 388 32.27 -6.26 -20.47
C ASP C 388 31.79 -7.69 -20.28
N ARG C 389 30.68 -8.10 -20.89
CA ARG C 389 30.16 -9.45 -20.65
C ARG C 389 31.08 -10.52 -21.23
N ALA C 390 31.71 -10.19 -22.35
CA ALA C 390 32.70 -11.10 -22.92
C ALA C 390 33.74 -11.46 -21.89
N ALA C 391 34.42 -10.42 -21.40
CA ALA C 391 35.44 -10.60 -20.39
C ALA C 391 34.88 -11.29 -19.17
N LEU C 392 33.61 -11.02 -18.81
CA LEU C 392 33.14 -11.64 -17.56
C LEU C 392 33.14 -13.16 -17.65
N ALA C 393 32.96 -13.64 -18.87
CA ALA C 393 32.85 -15.08 -19.14
C ALA C 393 34.19 -15.70 -19.46
N ASP C 394 35.16 -14.90 -19.92
CA ASP C 394 36.48 -15.54 -20.09
C ASP C 394 37.02 -16.02 -18.76
N PRO C 395 37.24 -17.32 -18.60
CA PRO C 395 37.65 -17.85 -17.31
C PRO C 395 39.04 -17.42 -16.85
N ALA C 396 39.73 -16.63 -17.65
CA ALA C 396 41.04 -16.08 -17.35
C ALA C 396 40.94 -14.68 -16.75
N THR C 397 39.77 -14.05 -16.95
CA THR C 397 39.57 -12.74 -16.35
C THR C 397 39.65 -12.83 -14.82
N ASP C 398 40.35 -11.85 -14.24
CA ASP C 398 40.53 -11.94 -12.78
C ASP C 398 39.45 -11.10 -12.11
N LEU C 399 38.51 -11.74 -11.41
CA LEU C 399 37.41 -10.90 -10.90
C LEU C 399 37.87 -9.94 -9.81
N ARG C 400 38.95 -10.24 -9.10
CA ARG C 400 39.51 -9.27 -8.16
C ARG C 400 40.14 -8.12 -8.94
N LYS C 401 40.92 -8.50 -9.94
CA LYS C 401 41.55 -7.53 -10.85
C LYS C 401 40.46 -6.61 -11.38
N LEU C 402 39.39 -7.26 -11.80
CA LEU C 402 38.17 -6.64 -12.30
C LEU C 402 37.62 -5.64 -11.28
N ALA C 403 37.22 -6.18 -10.15
CA ALA C 403 36.62 -5.42 -9.06
C ALA C 403 37.55 -4.33 -8.55
N ALA C 404 38.78 -4.71 -8.21
CA ALA C 404 39.76 -3.81 -7.61
C ALA C 404 40.39 -2.88 -8.63
N ALA C 405 39.55 -2.31 -9.48
CA ALA C 405 40.01 -1.45 -10.56
C ALA C 405 38.95 -1.11 -11.60
N VAL C 406 37.99 -2.00 -11.87
CA VAL C 406 37.16 -1.77 -13.06
C VAL C 406 35.78 -1.24 -12.68
#